data_9Q2D
#
_entry.id   9Q2D
#
_cell.length_a   1.00
_cell.length_b   1.00
_cell.length_c   1.00
_cell.angle_alpha   90.00
_cell.angle_beta   90.00
_cell.angle_gamma   90.00
#
_symmetry.space_group_name_H-M   'P 1'
#
loop_
_entity.id
_entity.type
_entity.pdbx_description
1 polymer 'DNA-binding protein Ikaros'
2 polymer 'Protein cereblon'
3 polymer 'DNA damage-binding protein 1'
4 non-polymer 'ZINC ION'
5 non-polymer 1-(3-chloro-4-methylphenyl)-3-({2-[(3S)-2,6-dioxopiperidin-3-yl]-1-oxo-2,3-dihydro-1H-isoindol-5-yl}methyl)urea
#
loop_
_entity_poly.entity_id
_entity_poly.type
_entity_poly.pdbx_seq_one_letter_code
_entity_poly.pdbx_strand_id
1 'polypeptide(L)'
;GSLPNGKLKCDICGIICIGPNVLMVHKRSHTGERPFQCNQCGASFTQKGNLLRHIKLHSGEKPFKCHLCNYACRRRDALT
GHLRTHS
;
A
2 'polypeptide(L)'
;MSYYHHHHHHDYDIPTTGLVPRGSMMAGEGDQQDAAHNMGNHLPLLPAESEEEDEMEVEDQDSKEAKKPNIINFDTSLPT
SHTYLGADMEEFHGRTLHDDDSCQVIPVLPQVMMILIPGQTLPLQLFHPQEVSMVRNLIQKDRTFAVLAYSNVQEREAQF
GTTAEIYAYREEQDFGIEIVKVKAIGRQRFKVLELRTQSDGIQQAKVQILPECVLPSTMSAVQLESLNKCQIFPSKPVSR
EDQCSYKWWQKYQKRKFHCANLTSWPRWLYSLYDAETLMDRIKKQLREWDENLKDDSLPSNPIDFSYRVAACLPIDDVLR
IQLLKIGSAIQRLRCELDIMNKCTSLCCKQCQETEITTKNEIFSLSLCGPMAAYVNPHGYVHETLTVYKACNLNLIGRPS
TEHSWFPGYAWTVAQCKICASHIGWKFTATKKDMSPQKFWGLTRSALLPTIPDTEDEISPDKVILCL
;
B
3 'polypeptide(L)'
;MSYNYVVTAQKPTAVNGCVTGHFTSAEDLNLLIAKNTRLEIYVVTAEGLRPVKEVGMYGKIAVMELFRPKGESKDLLFIL
TAKYNACILEYKQSGESIDIITRAHGNVQDRIGRPSETGIIGIIDPECRMIGLRLYDGLFKVIPLDRDNKELKAFNIRLE
ELHVIDVKFLYGCQAPTICFVYQDPQGRHVKTYEVSLREKEFNKGPWKQENVEAEASMVIAVPEPFGGAIIIGQESITYH
NGDKYLAIAPPIIKQSTIVCHNRVDPNGSRYLLGDMEGRLFMLLLEKEEQMDGTVTLKDLRVELLGETSIAECLTYLDNG
VVFVGSRLGDSQLVKLNVDSNEQGSYVVAMETFTNLGPIVDMCVVDLERQGQGQLVTCSGAFKEGSLRIIRNGIGGNGNS
GEIQKLHIRTVPLYESPRKICYQEVSQCFGVLSSRIEVQDTSGGTTALRPSASTQALSSSVSSSKLFSSSTAPHETSFGE
EVEVHNLLIIDQHTFEVLHAHQFLQNEYALSLVSCKLGKDPNTYFIVGTAMVYPEEAEPKQGRIVVFQYSDGKLQTVAEK
EVKGAVYSMVEFNGKLLASINSTVRLYEWTTEKELRTECNHYNNIMALYLKTKGDFILVGDLMRSVLLLAYKPMEGNFEE
IARDFNPNWMSAVEILDDDNFLGAENAFNLFVCQKDSAATTDEERQHLQEVGLFHLGEFVNVFCHGSLVMQNLGETSTPT
QGSVLFGTVNGMIGLVTSLSESWYNLLLDMQNRLNKVIKSVGKIEHSFWRSFHTERKTEPATGFIDGDLIESFLDISRPK
MQEVVANLQYDDGSGMKREATADDLIKVVEELTRIH
;
C
#
# COMPACT_ATOMS: atom_id res chain seq x y z
N PRO A 35 -9.32 28.88 56.76
CA PRO A 35 -10.49 28.01 56.91
C PRO A 35 -11.19 27.71 55.59
N PHE A 36 -11.33 28.73 54.74
CA PHE A 36 -11.95 28.53 53.43
C PHE A 36 -11.04 27.72 52.52
N GLN A 37 -11.66 26.97 51.62
CA GLN A 37 -10.91 26.20 50.63
C GLN A 37 -11.77 26.01 49.38
N CYS A 38 -11.13 26.10 48.21
CA CYS A 38 -11.85 25.91 46.96
C CYS A 38 -12.17 24.43 46.76
N ASN A 39 -13.41 24.16 46.35
CA ASN A 39 -13.81 22.78 46.07
C ASN A 39 -13.04 22.21 44.89
N GLN A 40 -12.80 23.03 43.87
CA GLN A 40 -12.22 22.52 42.63
C GLN A 40 -10.71 22.37 42.72
N CYS A 41 -9.99 23.49 42.91
CA CYS A 41 -8.53 23.43 42.91
C CYS A 41 -7.97 22.92 44.23
N GLY A 42 -8.71 23.07 45.31
CA GLY A 42 -8.25 22.64 46.63
C GLY A 42 -7.45 23.68 47.39
N ALA A 43 -7.22 24.85 46.82
CA ALA A 43 -6.48 25.89 47.53
C ALA A 43 -7.25 26.36 48.75
N SER A 44 -6.52 26.79 49.77
CA SER A 44 -7.09 27.27 51.02
C SER A 44 -7.03 28.80 51.06
N PHE A 45 -8.15 29.42 51.39
CA PHE A 45 -8.28 30.87 51.42
C PHE A 45 -8.78 31.32 52.79
N THR A 46 -8.91 32.63 52.97
CA THR A 46 -9.32 33.19 54.25
C THR A 46 -10.49 34.16 54.10
N GLN A 47 -10.60 34.80 52.93
CA GLN A 47 -11.65 35.78 52.68
C GLN A 47 -12.66 35.22 51.69
N LYS A 48 -13.93 35.52 51.92
CA LYS A 48 -14.98 35.03 51.03
C LYS A 48 -14.81 35.57 49.61
N GLY A 49 -14.45 36.85 49.49
CA GLY A 49 -14.21 37.41 48.17
C GLY A 49 -13.08 36.71 47.45
N ASN A 50 -12.05 36.28 48.19
CA ASN A 50 -10.93 35.59 47.56
C ASN A 50 -11.40 34.32 46.87
N LEU A 51 -12.16 33.48 47.57
CA LEU A 51 -12.65 32.26 46.93
C LEU A 51 -13.68 32.56 45.84
N LEU A 52 -14.49 33.60 46.03
CA LEU A 52 -15.43 33.98 44.97
C LEU A 52 -14.70 34.29 43.67
N ARG A 53 -13.65 35.11 43.74
CA ARG A 53 -12.91 35.45 42.53
C ARG A 53 -12.09 34.26 42.03
N HIS A 54 -11.62 33.40 42.94
CA HIS A 54 -10.88 32.21 42.51
C HIS A 54 -11.75 31.27 41.70
N ILE A 55 -13.01 31.11 42.10
CA ILE A 55 -13.91 30.18 41.41
C ILE A 55 -14.03 30.55 39.94
N LYS A 56 -13.96 31.84 39.61
CA LYS A 56 -14.13 32.25 38.21
C LYS A 56 -13.02 31.72 37.32
N LEU A 57 -11.83 31.51 37.87
CA LEU A 57 -10.69 31.11 37.04
C LEU A 57 -10.96 29.77 36.36
N HIS A 58 -11.34 28.74 37.14
CA HIS A 58 -11.69 27.44 36.59
C HIS A 58 -13.21 27.31 36.59
N SER A 59 -13.83 27.88 35.56
CA SER A 59 -15.28 27.87 35.42
C SER A 59 -15.62 27.89 33.94
N GLY A 60 -16.89 28.19 33.64
CA GLY A 60 -17.35 28.27 32.26
C GLY A 60 -16.76 29.45 31.51
N PHE B 74 10.97 3.91 41.20
CA PHE B 74 9.79 4.36 41.93
C PHE B 74 8.66 3.34 41.82
N ASP B 75 8.88 2.27 41.06
CA ASP B 75 7.88 1.24 40.85
C ASP B 75 6.62 1.85 40.21
N THR B 76 6.81 2.29 38.96
CA THR B 76 5.79 3.03 38.22
C THR B 76 4.49 2.25 38.06
N SER B 77 4.45 1.00 38.52
CA SER B 77 3.22 0.23 38.46
C SER B 77 2.13 0.80 39.36
N LEU B 78 2.51 1.41 40.48
CA LEU B 78 1.51 1.79 41.49
C LEU B 78 0.47 2.77 40.95
N PRO B 79 0.83 3.88 40.30
CA PRO B 79 -0.19 4.86 39.92
C PRO B 79 -1.32 4.28 39.09
N THR B 80 -1.07 3.21 38.34
CA THR B 80 -2.12 2.62 37.52
C THR B 80 -3.27 2.10 38.39
N SER B 81 -2.96 1.50 39.53
CA SER B 81 -3.98 0.85 40.35
C SER B 81 -4.93 1.84 41.00
N HIS B 82 -4.60 3.14 41.03
CA HIS B 82 -5.43 4.14 41.71
C HIS B 82 -5.75 3.70 43.13
N THR B 83 -4.70 3.35 43.88
CA THR B 83 -4.88 2.82 45.23
C THR B 83 -5.58 3.81 46.14
N TYR B 84 -5.56 5.11 45.82
CA TYR B 84 -6.20 6.09 46.68
C TYR B 84 -7.71 5.97 46.71
N LEU B 85 -8.30 5.22 45.76
CA LEU B 85 -9.75 5.01 45.80
C LEU B 85 -10.17 4.28 47.07
N GLY B 86 -9.41 3.26 47.46
CA GLY B 86 -9.72 2.52 48.67
C GLY B 86 -9.49 1.03 48.54
N ALA B 87 -9.21 0.56 47.33
CA ALA B 87 -9.00 -0.87 47.09
C ALA B 87 -10.28 -1.65 47.39
N ASP B 88 -10.22 -2.97 47.30
CA ASP B 88 -11.38 -3.83 47.50
C ASP B 88 -12.50 -3.44 46.54
N MET B 89 -12.19 -3.59 45.25
CA MET B 89 -13.05 -3.15 44.17
C MET B 89 -13.67 -4.36 43.47
N GLU B 90 -14.94 -4.25 43.11
CA GLU B 90 -15.62 -5.32 42.40
C GLU B 90 -14.98 -5.51 41.02
N GLU B 91 -14.90 -6.77 40.58
CA GLU B 91 -14.26 -7.12 39.32
C GLU B 91 -15.24 -7.89 38.45
N PHE B 92 -15.23 -7.59 37.15
CA PHE B 92 -16.03 -8.29 36.16
C PHE B 92 -15.12 -8.82 35.06
N HIS B 93 -15.43 -10.02 34.58
CA HIS B 93 -14.60 -10.68 33.56
C HIS B 93 -15.17 -10.57 32.16
N GLY B 94 -16.49 -10.51 32.02
CA GLY B 94 -17.10 -10.50 30.70
C GLY B 94 -17.09 -9.12 30.07
N ARG B 95 -16.98 -9.09 28.74
CA ARG B 95 -17.05 -7.87 27.96
C ARG B 95 -18.02 -8.06 26.82
N THR B 96 -18.59 -6.96 26.35
CA THR B 96 -19.58 -6.96 25.28
C THR B 96 -19.18 -5.98 24.19
N LEU B 97 -19.31 -6.40 22.94
CA LEU B 97 -19.01 -5.57 21.79
C LEU B 97 -20.22 -5.52 20.88
N HIS B 98 -20.58 -4.31 20.43
CA HIS B 98 -21.68 -4.14 19.51
C HIS B 98 -21.22 -4.50 18.10
N ASP B 99 -22.07 -4.22 17.11
CA ASP B 99 -21.79 -4.52 15.72
C ASP B 99 -21.49 -3.23 14.97
N ASP B 100 -20.50 -3.29 14.07
CA ASP B 100 -20.12 -2.11 13.31
C ASP B 100 -21.29 -1.63 12.46
N ASP B 101 -21.47 -0.31 12.42
CA ASP B 101 -22.52 0.39 11.67
C ASP B 101 -23.90 0.18 12.26
N SER B 102 -24.03 -0.62 13.32
CA SER B 102 -25.33 -0.84 13.95
C SER B 102 -25.71 0.36 14.81
N CYS B 103 -27.01 0.61 14.91
CA CYS B 103 -27.55 1.71 15.70
C CYS B 103 -27.97 1.20 17.06
N GLN B 104 -27.51 1.88 18.11
CA GLN B 104 -27.79 1.49 19.49
C GLN B 104 -28.14 2.72 20.30
N VAL B 105 -29.00 2.52 21.31
CA VAL B 105 -29.43 3.58 22.21
C VAL B 105 -28.73 3.37 23.55
N ILE B 106 -28.10 4.44 24.04
CA ILE B 106 -27.29 4.36 25.26
C ILE B 106 -27.48 5.62 26.08
N PRO B 107 -27.48 5.49 27.40
CA PRO B 107 -27.54 6.67 28.26
C PRO B 107 -26.20 7.39 28.34
N VAL B 108 -26.27 8.67 28.72
CA VAL B 108 -25.10 9.53 28.84
C VAL B 108 -25.06 10.09 30.25
N LEU B 109 -23.94 9.88 30.94
CA LEU B 109 -23.74 10.49 32.24
C LEU B 109 -23.48 11.98 32.07
N PRO B 110 -24.11 12.86 32.87
CA PRO B 110 -23.95 14.30 32.63
C PRO B 110 -22.64 14.87 33.17
N GLN B 111 -22.17 14.33 34.30
CA GLN B 111 -21.01 14.92 34.98
C GLN B 111 -19.75 14.81 34.11
N VAL B 112 -19.55 13.67 33.45
CA VAL B 112 -18.32 13.45 32.71
C VAL B 112 -18.19 14.48 31.60
N MET B 113 -16.96 14.98 31.41
CA MET B 113 -16.68 15.96 30.37
C MET B 113 -15.44 15.66 29.55
N MET B 114 -14.62 14.67 29.91
CA MET B 114 -13.37 14.41 29.20
C MET B 114 -13.65 13.81 27.83
N ILE B 115 -12.64 13.91 26.96
CA ILE B 115 -12.70 13.33 25.62
C ILE B 115 -12.04 11.95 25.75
N LEU B 116 -12.85 10.95 26.06
CA LEU B 116 -12.33 9.60 26.27
C LEU B 116 -11.83 9.01 24.96
N ILE B 117 -10.79 8.18 25.08
CA ILE B 117 -10.19 7.51 23.92
C ILE B 117 -10.24 6.01 24.19
N PRO B 118 -10.45 5.16 23.18
CA PRO B 118 -10.52 3.72 23.43
C PRO B 118 -9.26 3.21 24.11
N GLY B 119 -9.46 2.30 25.06
CA GLY B 119 -8.36 1.71 25.81
C GLY B 119 -7.91 2.51 27.01
N GLN B 120 -8.46 3.70 27.22
CA GLN B 120 -8.07 4.54 28.35
C GLN B 120 -8.98 4.28 29.54
N THR B 121 -8.37 4.21 30.72
CA THR B 121 -9.11 3.98 31.96
C THR B 121 -9.64 5.31 32.49
N LEU B 122 -10.85 5.27 33.03
CA LEU B 122 -11.53 6.46 33.54
C LEU B 122 -12.12 6.18 34.91
N PRO B 123 -11.66 6.85 35.97
CA PRO B 123 -12.34 6.75 37.26
C PRO B 123 -13.39 7.83 37.45
N LEU B 124 -14.38 7.52 38.27
CA LEU B 124 -15.49 8.43 38.50
C LEU B 124 -16.07 8.22 39.88
N GLN B 125 -16.58 9.31 40.46
CA GLN B 125 -17.27 9.30 41.75
C GLN B 125 -18.69 9.80 41.52
N LEU B 126 -19.66 8.92 41.70
CA LEU B 126 -21.07 9.26 41.59
C LEU B 126 -21.60 9.72 42.94
N PHE B 127 -22.22 10.90 42.96
CA PHE B 127 -22.76 11.51 44.18
C PHE B 127 -24.29 11.60 44.15
N HIS B 128 -24.84 12.25 43.13
CA HIS B 128 -26.27 12.57 43.15
C HIS B 128 -27.11 11.29 43.12
N PRO B 129 -28.25 11.28 43.83
CA PRO B 129 -29.01 10.02 43.93
C PRO B 129 -29.49 9.47 42.60
N GLN B 130 -29.89 10.34 41.66
CA GLN B 130 -30.43 9.86 40.39
C GLN B 130 -29.36 9.12 39.58
N GLU B 131 -28.19 9.72 39.44
CA GLU B 131 -27.10 9.04 38.73
C GLU B 131 -26.63 7.80 39.50
N VAL B 132 -26.69 7.83 40.83
CA VAL B 132 -26.35 6.64 41.61
C VAL B 132 -27.29 5.50 41.27
N SER B 133 -28.59 5.78 41.22
CA SER B 133 -29.57 4.76 40.86
C SER B 133 -29.36 4.27 39.44
N MET B 134 -29.04 5.19 38.52
CA MET B 134 -28.79 4.79 37.14
C MET B 134 -27.59 3.86 37.05
N VAL B 135 -26.52 4.17 37.80
CA VAL B 135 -25.34 3.31 37.81
C VAL B 135 -25.68 1.94 38.41
N ARG B 136 -26.44 1.95 39.51
CA ARG B 136 -26.85 0.68 40.11
C ARG B 136 -27.61 -0.18 39.12
N ASN B 137 -28.55 0.43 38.39
CA ASN B 137 -29.27 -0.32 37.36
C ASN B 137 -28.32 -0.83 36.29
N LEU B 138 -27.40 0.02 35.83
CA LEU B 138 -26.49 -0.37 34.75
C LEU B 138 -25.59 -1.52 35.18
N ILE B 139 -25.34 -1.66 36.48
CA ILE B 139 -24.47 -2.74 36.96
C ILE B 139 -24.91 -4.08 36.38
N GLN B 140 -26.17 -4.46 36.65
CA GLN B 140 -26.66 -5.73 36.14
C GLN B 140 -26.85 -5.72 34.62
N LYS B 141 -26.95 -4.54 34.02
CA LYS B 141 -27.07 -4.42 32.58
C LYS B 141 -25.69 -4.56 31.95
N ASP B 142 -25.57 -4.16 30.68
CA ASP B 142 -24.31 -4.28 29.95
C ASP B 142 -23.15 -3.57 30.64
N ARG B 143 -23.44 -2.72 31.62
CA ARG B 143 -22.42 -1.96 32.34
C ARG B 143 -21.73 -0.94 31.44
N THR B 144 -22.44 -0.43 30.43
CA THR B 144 -21.87 0.48 29.46
C THR B 144 -22.69 1.76 29.39
N PHE B 145 -22.01 2.85 29.07
CA PHE B 145 -22.66 4.14 28.84
C PHE B 145 -21.85 4.88 27.78
N ALA B 146 -22.16 6.16 27.59
CA ALA B 146 -21.53 6.96 26.53
C ALA B 146 -21.01 8.27 27.11
N VAL B 147 -19.88 8.72 26.57
CA VAL B 147 -19.29 10.00 26.93
C VAL B 147 -19.17 10.83 25.66
N LEU B 148 -19.72 12.04 25.69
CA LEU B 148 -19.78 12.91 24.53
C LEU B 148 -18.60 13.88 24.54
N ALA B 149 -17.91 13.96 23.42
CA ALA B 149 -16.74 14.85 23.29
C ALA B 149 -17.20 16.19 22.76
N TYR B 150 -17.65 17.03 23.69
CA TYR B 150 -18.11 18.38 23.34
C TYR B 150 -16.98 19.21 22.76
N GLU B 157 -22.89 21.37 22.30
CA GLU B 157 -22.95 20.62 21.05
C GLU B 157 -22.18 19.31 21.19
N ALA B 158 -22.76 18.23 20.67
CA ALA B 158 -22.14 16.91 20.72
C ALA B 158 -22.30 16.25 19.36
N GLN B 159 -21.18 15.85 18.76
CA GLN B 159 -21.18 15.15 17.48
C GLN B 159 -20.49 13.79 17.54
N PHE B 160 -19.38 13.68 18.26
CA PHE B 160 -18.66 12.44 18.41
C PHE B 160 -18.54 12.08 19.87
N GLY B 161 -18.51 10.77 20.16
CA GLY B 161 -18.42 10.30 21.52
C GLY B 161 -17.78 8.93 21.55
N THR B 162 -17.64 8.42 22.78
CA THR B 162 -17.00 7.13 23.01
C THR B 162 -17.84 6.33 24.00
N THR B 163 -18.05 5.05 23.69
CA THR B 163 -18.71 4.14 24.62
C THR B 163 -17.71 3.70 25.69
N ALA B 164 -18.18 3.64 26.93
CA ALA B 164 -17.35 3.25 28.06
C ALA B 164 -18.01 2.10 28.80
N GLU B 165 -17.27 1.00 28.97
CA GLU B 165 -17.72 -0.16 29.72
C GLU B 165 -17.19 -0.06 31.15
N ILE B 166 -18.09 -0.18 32.12
CA ILE B 166 -17.72 -0.09 33.53
C ILE B 166 -17.33 -1.48 34.01
N TYR B 167 -16.13 -1.59 34.57
CA TYR B 167 -15.61 -2.86 35.05
C TYR B 167 -15.34 -2.90 36.54
N ALA B 168 -15.04 -1.76 37.17
CA ALA B 168 -14.76 -1.70 38.60
C ALA B 168 -15.83 -0.89 39.29
N TYR B 169 -16.37 -1.43 40.39
CA TYR B 169 -17.47 -0.80 41.10
C TYR B 169 -17.30 -0.98 42.61
N ARG B 170 -17.68 0.05 43.37
CA ARG B 170 -17.68 -0.04 44.82
C ARG B 170 -18.59 1.03 45.39
N GLU B 171 -19.14 0.75 46.57
CA GLU B 171 -19.96 1.72 47.29
C GLU B 171 -19.75 1.51 48.79
N GLU B 172 -19.58 2.63 49.50
CA GLU B 172 -19.36 2.60 50.94
C GLU B 172 -20.52 3.15 51.76
N GLN B 173 -21.25 4.13 51.23
CA GLN B 173 -22.45 4.71 51.83
C GLN B 173 -22.13 5.55 53.08
N ASP B 174 -20.87 5.63 53.49
CA ASP B 174 -20.53 6.39 54.68
C ASP B 174 -20.91 7.87 54.51
N PHE B 175 -21.18 8.52 55.63
CA PHE B 175 -21.61 9.92 55.66
C PHE B 175 -23.00 10.10 55.08
N GLY B 176 -23.85 9.07 55.17
CA GLY B 176 -25.21 9.17 54.70
C GLY B 176 -25.32 9.12 53.19
N ILE B 177 -24.64 10.04 52.50
CA ILE B 177 -24.69 10.07 51.06
C ILE B 177 -24.08 8.78 50.50
N GLU B 178 -24.57 8.37 49.33
CA GLU B 178 -24.09 7.17 48.66
C GLU B 178 -22.95 7.57 47.71
N ILE B 179 -21.72 7.45 48.19
CA ILE B 179 -20.53 7.78 47.41
C ILE B 179 -20.18 6.54 46.58
N VAL B 180 -20.52 6.54 45.30
CA VAL B 180 -20.23 5.42 44.42
C VAL B 180 -18.90 5.68 43.73
N LYS B 181 -18.04 4.66 43.68
CA LYS B 181 -16.76 4.76 43.01
C LYS B 181 -16.71 3.74 41.88
N VAL B 182 -16.41 4.21 40.67
CA VAL B 182 -16.43 3.36 39.49
C VAL B 182 -15.17 3.60 38.65
N LYS B 183 -14.78 2.57 37.90
CA LYS B 183 -13.72 2.66 36.92
C LYS B 183 -14.17 1.94 35.66
N ALA B 184 -14.02 2.61 34.52
CA ALA B 184 -14.46 2.09 33.22
C ALA B 184 -13.34 2.24 32.21
N ILE B 185 -13.57 1.68 31.02
CA ILE B 185 -12.61 1.74 29.92
C ILE B 185 -13.35 1.99 28.62
N GLY B 186 -12.75 2.77 27.73
CA GLY B 186 -13.35 3.02 26.43
C GLY B 186 -13.33 1.79 25.55
N ARG B 187 -14.36 1.66 24.72
CA ARG B 187 -14.51 0.49 23.85
C ARG B 187 -14.59 0.86 22.37
N GLN B 188 -15.42 1.82 22.00
CA GLN B 188 -15.70 2.08 20.59
C GLN B 188 -16.00 3.55 20.38
N ARG B 189 -16.00 3.95 19.11
CA ARG B 189 -16.28 5.31 18.69
C ARG B 189 -17.59 5.36 17.92
N PHE B 190 -18.42 6.37 18.20
CA PHE B 190 -19.71 6.52 17.55
C PHE B 190 -19.93 7.98 17.17
N LYS B 191 -20.92 8.19 16.32
CA LYS B 191 -21.36 9.51 15.90
C LYS B 191 -22.82 9.71 16.27
N VAL B 192 -23.17 10.94 16.67
CA VAL B 192 -24.51 11.20 17.17
C VAL B 192 -25.51 11.08 16.03
N LEU B 193 -26.58 10.31 16.27
CA LEU B 193 -27.71 10.25 15.35
C LEU B 193 -28.94 10.97 15.92
N GLU B 194 -29.31 10.69 17.16
CA GLU B 194 -30.31 11.51 17.84
C GLU B 194 -30.03 11.51 19.33
N LEU B 195 -30.35 12.63 19.97
CA LEU B 195 -30.24 12.79 21.41
C LEU B 195 -31.60 13.14 21.98
N ARG B 196 -31.98 12.49 23.07
CA ARG B 196 -33.29 12.67 23.69
C ARG B 196 -33.12 12.87 25.19
N THR B 197 -34.05 13.62 25.78
CA THR B 197 -34.05 13.91 27.21
C THR B 197 -35.34 13.38 27.82
N GLN B 198 -35.22 12.70 28.95
CA GLN B 198 -36.35 12.14 29.66
C GLN B 198 -36.76 13.05 30.82
N SER B 199 -37.94 12.76 31.38
CA SER B 199 -38.44 13.55 32.49
C SER B 199 -37.54 13.44 33.71
N ASP B 200 -37.01 12.24 33.96
CA ASP B 200 -36.16 12.03 35.13
C ASP B 200 -34.99 13.00 35.15
N GLY B 201 -34.31 13.16 34.02
CA GLY B 201 -33.19 14.07 33.95
C GLY B 201 -32.02 13.52 33.15
N ILE B 202 -31.85 12.20 33.15
CA ILE B 202 -30.78 11.60 32.37
C ILE B 202 -31.11 11.71 30.88
N GLN B 203 -30.06 11.64 30.06
CA GLN B 203 -30.18 11.78 28.63
C GLN B 203 -29.86 10.47 27.94
N GLN B 204 -30.60 10.17 26.88
CA GLN B 204 -30.35 9.01 26.03
C GLN B 204 -29.89 9.48 24.66
N ALA B 205 -29.20 8.60 23.94
CA ALA B 205 -28.76 8.93 22.59
C ALA B 205 -28.70 7.66 21.76
N LYS B 206 -29.29 7.71 20.57
CA LYS B 206 -29.14 6.65 19.59
C LYS B 206 -28.05 7.07 18.62
N VAL B 207 -27.09 6.16 18.40
CA VAL B 207 -25.88 6.45 17.63
C VAL B 207 -25.45 5.17 16.91
N GLN B 208 -24.69 5.36 15.83
CA GLN B 208 -24.15 4.26 15.05
C GLN B 208 -22.68 4.04 15.39
N ILE B 209 -22.26 2.78 15.35
CA ILE B 209 -20.90 2.41 15.72
C ILE B 209 -20.02 2.59 14.49
N LEU B 210 -19.09 3.55 14.56
CA LEU B 210 -18.18 3.78 13.45
C LEU B 210 -17.24 2.58 13.29
N PRO B 211 -16.96 2.16 12.06
CA PRO B 211 -16.07 1.02 11.86
C PRO B 211 -14.61 1.40 12.05
N GLU B 212 -13.79 0.37 12.28
CA GLU B 212 -12.34 0.51 12.36
C GLU B 212 -11.74 -0.15 11.13
N CYS B 213 -11.04 0.63 10.31
CA CYS B 213 -10.53 0.18 9.03
C CYS B 213 -9.03 0.00 9.09
N VAL B 214 -8.55 -1.10 8.51
CA VAL B 214 -7.13 -1.40 8.42
C VAL B 214 -6.80 -1.66 6.96
N LEU B 215 -5.75 -1.00 6.46
CA LEU B 215 -5.37 -1.14 5.06
C LEU B 215 -4.34 -2.25 4.88
N PRO B 216 -4.30 -2.90 3.72
CA PRO B 216 -3.28 -3.93 3.48
C PRO B 216 -1.91 -3.32 3.26
N SER B 217 -0.90 -4.16 3.02
CA SER B 217 0.43 -3.66 2.75
C SER B 217 0.43 -2.81 1.48
N THR B 218 1.12 -1.67 1.53
CA THR B 218 1.13 -0.76 0.40
C THR B 218 1.73 -1.40 -0.85
N MET B 219 2.53 -2.46 -0.69
CA MET B 219 3.14 -3.16 -1.81
C MET B 219 2.33 -4.38 -2.24
N SER B 220 1.12 -4.57 -1.70
CA SER B 220 0.30 -5.70 -2.09
C SER B 220 -0.32 -5.51 -3.48
N ALA B 221 -0.39 -4.27 -3.96
CA ALA B 221 -0.93 -4.03 -5.30
C ALA B 221 0.11 -4.34 -6.37
N VAL B 222 1.24 -3.65 -6.34
CA VAL B 222 2.35 -3.93 -7.24
C VAL B 222 3.26 -4.95 -6.57
N GLN B 223 3.50 -6.07 -7.24
CA GLN B 223 4.30 -7.14 -6.65
C GLN B 223 4.67 -8.13 -7.73
N LEU B 224 5.83 -8.75 -7.56
CA LEU B 224 6.26 -9.87 -8.38
C LEU B 224 6.03 -11.14 -7.57
N GLU B 225 5.15 -12.01 -8.08
CA GLU B 225 4.74 -13.19 -7.31
C GLU B 225 5.94 -14.06 -6.97
N SER B 226 6.93 -14.16 -7.86
CA SER B 226 8.10 -14.97 -7.58
C SER B 226 8.82 -14.48 -6.32
N LEU B 227 8.86 -13.16 -6.12
CA LEU B 227 9.49 -12.58 -4.93
C LEU B 227 8.61 -12.70 -3.69
N ASN B 228 7.37 -13.17 -3.83
CA ASN B 228 6.49 -13.29 -2.66
C ASN B 228 7.09 -14.20 -1.60
N LYS B 229 7.91 -15.17 -2.00
CA LYS B 229 8.53 -16.06 -1.04
C LYS B 229 9.54 -15.35 -0.14
N CYS B 230 9.98 -14.15 -0.53
CA CYS B 230 10.97 -13.40 0.23
C CYS B 230 10.34 -12.41 1.21
N GLN B 231 9.01 -12.40 1.32
CA GLN B 231 8.35 -11.44 2.21
C GLN B 231 8.55 -11.79 3.68
N ILE B 232 8.63 -13.08 4.00
CA ILE B 232 8.79 -13.51 5.38
C ILE B 232 10.26 -13.33 5.78
N PHE B 233 10.47 -12.58 6.87
CA PHE B 233 11.81 -12.28 7.35
C PHE B 233 12.15 -13.15 8.56
N PRO B 234 13.44 -13.38 8.81
CA PRO B 234 13.83 -14.06 10.05
C PRO B 234 13.44 -13.22 11.28
N SER B 235 13.38 -13.90 12.42
CA SER B 235 12.95 -13.25 13.65
C SER B 235 13.88 -12.08 13.99
N LYS B 236 13.28 -11.00 14.49
CA LYS B 236 14.07 -9.83 14.84
C LYS B 236 14.99 -10.16 16.03
N PRO B 237 16.21 -9.59 16.06
CA PRO B 237 17.11 -9.84 17.20
C PRO B 237 16.46 -9.54 18.55
N GLN B 243 23.45 -0.18 16.11
CA GLN B 243 24.36 -1.02 15.35
C GLN B 243 23.62 -2.16 14.67
N CYS B 244 23.37 -3.22 15.45
CA CYS B 244 22.64 -4.37 14.89
C CYS B 244 21.24 -3.98 14.46
N SER B 245 20.54 -3.20 15.29
CA SER B 245 19.18 -2.79 14.94
C SER B 245 19.16 -1.95 13.67
N TYR B 246 20.12 -1.03 13.54
CA TYR B 246 20.17 -0.19 12.34
C TYR B 246 20.40 -1.03 11.10
N LYS B 247 21.34 -1.98 11.15
CA LYS B 247 21.60 -2.84 10.01
C LYS B 247 20.38 -3.68 9.66
N TRP B 248 19.71 -4.22 10.69
CA TRP B 248 18.51 -5.03 10.43
C TRP B 248 17.42 -4.19 9.79
N TRP B 249 17.23 -2.96 10.27
CA TRP B 249 16.22 -2.10 9.68
C TRP B 249 16.56 -1.72 8.24
N GLN B 250 17.84 -1.46 7.96
CA GLN B 250 18.23 -1.17 6.59
C GLN B 250 17.95 -2.36 5.68
N LYS B 251 18.29 -3.57 6.13
CA LYS B 251 18.00 -4.76 5.33
C LYS B 251 16.50 -4.94 5.14
N TYR B 252 15.72 -4.70 6.19
CA TYR B 252 14.27 -4.83 6.11
C TYR B 252 13.70 -3.86 5.08
N GLN B 253 14.13 -2.61 5.12
CA GLN B 253 13.66 -1.63 4.14
C GLN B 253 14.09 -2.02 2.73
N LYS B 254 15.33 -2.46 2.56
CA LYS B 254 15.82 -2.80 1.23
C LYS B 254 15.09 -4.00 0.65
N ARG B 255 14.67 -4.94 1.49
CA ARG B 255 14.07 -6.17 0.99
C ARG B 255 12.55 -6.08 0.84
N LYS B 256 11.87 -5.41 1.77
CA LYS B 256 10.40 -5.39 1.71
C LYS B 256 9.90 -4.54 0.55
N PHE B 257 10.50 -3.37 0.34
CA PHE B 257 10.05 -2.41 -0.67
C PHE B 257 10.84 -2.52 -1.96
N HIS B 258 11.28 -3.72 -2.32
CA HIS B 258 12.00 -3.92 -3.58
C HIS B 258 11.12 -3.54 -4.77
N CYS B 259 9.92 -4.11 -4.84
CA CYS B 259 9.04 -3.92 -5.98
C CYS B 259 8.64 -2.46 -6.14
N ALA B 260 9.04 -1.61 -5.19
CA ALA B 260 8.86 -0.18 -5.35
C ALA B 260 9.56 0.34 -6.60
N ASN B 261 10.56 -0.38 -7.12
CA ASN B 261 11.19 0.03 -8.35
C ASN B 261 10.25 -0.03 -9.55
N LEU B 262 9.12 -0.75 -9.44
CA LEU B 262 8.14 -0.80 -10.50
C LEU B 262 7.22 0.42 -10.51
N THR B 263 7.20 1.20 -9.44
CA THR B 263 6.37 2.38 -9.33
C THR B 263 7.22 3.63 -9.59
N SER B 264 6.61 4.81 -9.40
CA SER B 264 7.27 6.08 -9.65
C SER B 264 7.72 6.76 -8.36
N TRP B 265 8.05 5.98 -7.33
CA TRP B 265 8.50 6.54 -6.06
C TRP B 265 9.63 5.68 -5.50
N PRO B 266 10.50 6.26 -4.69
CA PRO B 266 11.59 5.48 -4.08
C PRO B 266 11.12 4.74 -2.83
N ARG B 267 12.00 3.86 -2.34
CA ARG B 267 11.66 3.05 -1.18
C ARG B 267 11.45 3.91 0.06
N TRP B 268 12.31 4.91 0.28
CA TRP B 268 12.21 5.71 1.49
C TRP B 268 10.91 6.50 1.55
N LEU B 269 10.26 6.72 0.41
CA LEU B 269 8.94 7.35 0.43
C LEU B 269 7.88 6.38 0.93
N TYR B 270 7.93 5.13 0.47
CA TYR B 270 6.98 4.13 0.95
C TYR B 270 7.21 3.81 2.42
N SER B 271 8.45 3.90 2.89
CA SER B 271 8.74 3.60 4.29
C SER B 271 8.04 4.56 5.24
N LEU B 272 7.64 5.75 4.76
CA LEU B 272 6.95 6.71 5.60
C LEU B 272 5.48 6.37 5.83
N TYR B 273 4.93 5.42 5.08
CA TYR B 273 3.56 4.97 5.25
C TYR B 273 3.51 3.52 5.71
N ASP B 274 4.46 3.13 6.57
CA ASP B 274 4.57 1.76 7.06
C ASP B 274 4.27 1.74 8.55
N ALA B 275 3.49 0.74 8.97
CA ALA B 275 3.09 0.65 10.37
C ALA B 275 4.28 0.34 11.27
N GLU B 276 5.08 -0.66 10.89
CA GLU B 276 6.18 -1.09 11.75
C GLU B 276 7.21 0.02 11.93
N THR B 277 7.58 0.71 10.84
CA THR B 277 8.58 1.76 10.95
C THR B 277 8.09 2.92 11.83
N LEU B 278 6.84 3.34 11.64
CA LEU B 278 6.30 4.42 12.45
C LEU B 278 6.21 4.01 13.91
N MET B 279 5.80 2.76 14.17
CA MET B 279 5.75 2.28 15.55
C MET B 279 7.13 2.27 16.19
N ASP B 280 8.15 1.84 15.43
CA ASP B 280 9.50 1.85 15.96
C ASP B 280 9.97 3.28 16.25
N ARG B 281 9.66 4.21 15.35
CA ARG B 281 10.05 5.60 15.59
C ARG B 281 9.36 6.16 16.83
N ILE B 282 8.09 5.83 17.02
CA ILE B 282 7.37 6.31 18.21
C ILE B 282 7.95 5.66 19.47
N LYS B 283 8.37 4.40 19.38
CA LYS B 283 9.04 3.77 20.51
C LYS B 283 10.34 4.50 20.84
N LYS B 284 11.12 4.85 19.81
CA LYS B 284 12.35 5.60 20.05
C LYS B 284 12.05 6.93 20.72
N GLN B 285 11.02 7.63 20.25
CA GLN B 285 10.66 8.91 20.85
C GLN B 285 10.25 8.73 22.31
N LEU B 286 9.45 7.70 22.61
CA LEU B 286 8.99 7.48 23.97
C LEU B 286 10.13 7.06 24.89
N ARG B 287 11.17 6.43 24.34
CA ARG B 287 12.26 5.92 25.18
C ARG B 287 12.91 7.04 25.98
N GLU B 288 12.82 8.28 25.50
CA GLU B 288 13.41 9.39 26.25
C GLU B 288 12.59 9.78 27.47
N TRP B 289 11.31 9.40 27.52
CA TRP B 289 10.44 9.74 28.63
C TRP B 289 10.32 8.62 29.66
N ASP B 290 11.02 7.50 29.47
CA ASP B 290 10.87 6.35 30.36
C ASP B 290 12.02 5.38 30.11
N GLU B 291 12.13 4.40 31.01
CA GLU B 291 13.07 3.30 30.88
C GLU B 291 12.32 1.99 30.78
N ASN B 292 11.20 2.00 30.07
CA ASN B 292 10.28 0.87 30.01
C ASN B 292 10.81 -0.24 29.10
N LEU B 293 10.20 -1.42 29.24
CA LEU B 293 10.51 -2.56 28.38
C LEU B 293 9.64 -2.47 27.12
N LYS B 294 10.29 -2.53 25.95
CA LYS B 294 9.56 -2.39 24.70
C LYS B 294 8.57 -3.53 24.50
N ASP B 295 8.97 -4.76 24.84
CA ASP B 295 8.13 -5.92 24.54
C ASP B 295 6.80 -5.86 25.27
N ASP B 296 6.84 -5.60 26.58
CA ASP B 296 5.65 -5.73 27.41
C ASP B 296 4.88 -4.43 27.56
N SER B 297 5.58 -3.29 27.64
CA SER B 297 4.92 -2.04 27.98
C SER B 297 3.88 -1.64 26.93
N LEU B 298 4.20 -1.82 25.64
CA LEU B 298 3.29 -1.41 24.58
C LEU B 298 2.75 -2.63 23.83
N PRO B 299 1.54 -2.55 23.28
CA PRO B 299 0.98 -3.67 22.52
C PRO B 299 1.63 -3.79 21.15
N SER B 300 1.40 -4.93 20.52
CA SER B 300 1.94 -5.24 19.20
C SER B 300 0.94 -4.97 18.08
N ASN B 301 -0.26 -4.47 18.39
CA ASN B 301 -1.26 -4.19 17.36
C ASN B 301 -1.20 -2.72 16.98
N PRO B 302 -1.16 -2.38 15.67
CA PRO B 302 -1.09 -0.96 15.30
C PRO B 302 -2.22 -0.12 15.88
N ILE B 303 -3.46 -0.64 15.91
CA ILE B 303 -4.58 0.13 16.42
C ILE B 303 -4.41 0.38 17.93
N ASP B 304 -4.12 -0.69 18.68
CA ASP B 304 -3.93 -0.54 20.12
C ASP B 304 -2.74 0.36 20.43
N PHE B 305 -1.65 0.19 19.69
CA PHE B 305 -0.48 1.04 19.90
C PHE B 305 -0.82 2.50 19.63
N SER B 306 -1.53 2.77 18.54
CA SER B 306 -1.89 4.15 18.20
C SER B 306 -2.77 4.76 19.27
N TYR B 307 -3.77 4.01 19.76
CA TYR B 307 -4.65 4.55 20.79
C TYR B 307 -3.88 4.77 22.09
N ARG B 308 -2.98 3.86 22.44
CA ARG B 308 -2.18 4.04 23.65
C ARG B 308 -1.31 5.30 23.55
N VAL B 309 -0.69 5.52 22.39
CA VAL B 309 0.13 6.71 22.20
C VAL B 309 -0.74 7.95 22.28
N ALA B 310 -1.90 7.94 21.61
CA ALA B 310 -2.78 9.11 21.63
C ALA B 310 -3.26 9.42 23.03
N ALA B 311 -3.43 8.41 23.88
CA ALA B 311 -3.92 8.64 25.23
C ALA B 311 -2.90 9.35 26.12
N CYS B 312 -1.65 9.50 25.68
CA CYS B 312 -0.59 10.08 26.50
C CYS B 312 0.18 11.14 25.71
N LEU B 313 -0.55 12.05 25.08
CA LEU B 313 0.06 13.18 24.40
C LEU B 313 -0.56 14.48 24.92
N PRO B 314 0.26 15.45 25.37
CA PRO B 314 -0.31 16.71 25.88
C PRO B 314 -0.81 17.62 24.76
N ILE B 315 -2.04 17.39 24.30
CA ILE B 315 -2.62 18.14 23.20
C ILE B 315 -3.97 18.70 23.64
N ASP B 316 -4.41 19.73 22.91
CA ASP B 316 -5.65 20.41 23.27
C ASP B 316 -6.87 19.54 22.96
N ASP B 317 -8.03 20.04 23.36
CA ASP B 317 -9.27 19.36 23.04
C ASP B 317 -9.49 19.28 21.53
N VAL B 318 -9.19 20.36 20.82
CA VAL B 318 -9.35 20.35 19.36
C VAL B 318 -8.44 19.31 18.74
N LEU B 319 -7.17 19.28 19.15
CA LEU B 319 -6.23 18.30 18.60
C LEU B 319 -6.66 16.89 18.94
N ARG B 320 -7.12 16.65 20.18
CA ARG B 320 -7.51 15.30 20.56
C ARG B 320 -8.74 14.83 19.78
N ILE B 321 -9.73 15.71 19.60
CA ILE B 321 -10.91 15.32 18.84
C ILE B 321 -10.55 15.11 17.38
N GLN B 322 -9.64 15.91 16.84
CA GLN B 322 -9.17 15.69 15.48
C GLN B 322 -8.50 14.33 15.35
N LEU B 323 -7.68 13.96 16.32
CA LEU B 323 -7.08 12.63 16.32
C LEU B 323 -8.14 11.55 16.38
N LEU B 324 -9.16 11.74 17.23
CA LEU B 324 -10.21 10.74 17.36
C LEU B 324 -10.98 10.57 16.06
N LYS B 325 -11.21 11.66 15.33
CA LYS B 325 -11.96 11.58 14.09
C LYS B 325 -11.27 10.70 13.05
N ILE B 326 -9.93 10.60 13.11
CA ILE B 326 -9.20 9.84 12.10
C ILE B 326 -9.67 8.39 12.12
N GLY B 327 -9.77 7.81 10.93
CA GLY B 327 -10.22 6.43 10.79
C GLY B 327 -9.10 5.43 10.70
N SER B 328 -8.13 5.67 9.82
CA SER B 328 -7.05 4.73 9.59
C SER B 328 -5.99 4.83 10.68
N ALA B 329 -5.34 3.70 10.95
CA ALA B 329 -4.28 3.68 11.96
C ALA B 329 -3.03 4.38 11.45
N ILE B 330 -2.73 4.25 10.17
CA ILE B 330 -1.52 4.87 9.61
C ILE B 330 -1.61 6.39 9.74
N GLN B 331 -2.77 6.96 9.44
CA GLN B 331 -2.93 8.40 9.56
C GLN B 331 -2.74 8.85 11.01
N ARG B 332 -3.31 8.10 11.96
CA ARG B 332 -3.17 8.48 13.35
C ARG B 332 -1.72 8.40 13.81
N LEU B 333 -1.00 7.35 13.39
CA LEU B 333 0.40 7.23 13.74
C LEU B 333 1.22 8.39 13.16
N ARG B 334 0.97 8.73 11.89
CA ARG B 334 1.69 9.85 11.28
C ARG B 334 1.39 11.15 12.01
N CYS B 335 0.13 11.39 12.36
CA CYS B 335 -0.23 12.60 13.07
C CYS B 335 0.44 12.66 14.44
N GLU B 336 0.47 11.52 15.15
CA GLU B 336 1.13 11.49 16.45
C GLU B 336 2.61 11.79 16.33
N LEU B 337 3.27 11.19 15.32
CA LEU B 337 4.70 11.47 15.13
C LEU B 337 4.93 12.93 14.81
N ASP B 338 4.09 13.51 13.94
CA ASP B 338 4.23 14.92 13.61
C ASP B 338 4.06 15.79 14.84
N ILE B 339 3.06 15.49 15.67
CA ILE B 339 2.82 16.28 16.88
C ILE B 339 4.02 16.17 17.82
N MET B 340 4.55 14.97 18.01
CA MET B 340 5.69 14.79 18.90
C MET B 340 6.91 15.55 18.38
N ASN B 341 7.14 15.51 17.07
CA ASN B 341 8.34 16.14 16.51
C ASN B 341 8.22 17.66 16.52
N LYS B 342 7.04 18.20 16.24
CA LYS B 342 6.88 19.64 16.02
C LYS B 342 6.58 20.38 17.32
N CYS B 343 5.48 20.02 17.99
CA CYS B 343 5.08 20.72 19.21
C CYS B 343 6.13 20.52 20.30
N THR B 344 6.83 21.58 20.66
CA THR B 344 7.87 21.53 21.69
C THR B 344 7.60 22.38 22.91
N SER B 345 6.81 23.45 22.79
CA SER B 345 6.54 24.33 23.91
C SER B 345 5.18 24.02 24.51
N LEU B 346 5.08 24.14 25.84
CA LEU B 346 3.81 24.02 26.55
C LEU B 346 3.59 25.32 27.31
N CYS B 347 2.53 26.04 26.95
CA CYS B 347 2.26 27.37 27.50
C CYS B 347 0.94 27.35 28.26
N CYS B 348 0.73 28.41 29.04
CA CYS B 348 -0.53 28.58 29.76
C CYS B 348 -1.67 28.76 28.76
N LYS B 349 -2.75 28.00 28.97
CA LYS B 349 -3.91 28.10 28.09
C LYS B 349 -4.52 29.50 28.14
N GLN B 350 -4.73 30.02 29.35
CA GLN B 350 -5.39 31.31 29.50
C GLN B 350 -4.57 32.42 28.86
N CYS B 351 -3.28 32.51 29.22
CA CYS B 351 -2.44 33.57 28.67
C CYS B 351 -2.23 33.39 27.17
N GLN B 352 -1.84 32.20 26.76
CA GLN B 352 -1.53 31.81 25.38
C GLN B 352 -0.15 32.29 24.96
N GLU B 353 0.59 33.01 25.81
CA GLU B 353 1.95 33.44 25.50
C GLU B 353 2.96 33.16 26.60
N THR B 354 2.53 32.87 27.83
CA THR B 354 3.43 32.63 28.94
C THR B 354 3.95 31.20 28.84
N GLU B 355 5.19 31.05 28.34
CA GLU B 355 5.79 29.73 28.25
C GLU B 355 5.90 29.10 29.63
N ILE B 356 5.61 27.80 29.71
CA ILE B 356 5.58 27.06 30.98
C ILE B 356 6.64 25.96 30.99
N THR B 357 6.68 25.14 29.94
CA THR B 357 7.56 23.98 29.95
C THR B 357 7.99 23.64 28.53
N THR B 358 9.05 22.84 28.44
CA THR B 358 9.56 22.32 27.17
C THR B 358 9.48 20.80 27.18
N LYS B 359 9.32 20.23 25.98
CA LYS B 359 9.16 18.78 25.89
C LYS B 359 10.37 18.03 26.44
N ASN B 360 11.56 18.63 26.35
CA ASN B 360 12.76 17.95 26.83
C ASN B 360 12.65 17.59 28.31
N GLU B 361 11.90 18.37 29.08
CA GLU B 361 11.73 18.11 30.50
C GLU B 361 10.66 17.08 30.80
N ILE B 362 9.83 16.72 29.82
CA ILE B 362 8.76 15.77 30.06
C ILE B 362 9.34 14.43 30.48
N PHE B 363 8.88 13.91 31.61
CA PHE B 363 9.29 12.60 32.10
C PHE B 363 8.08 11.89 32.67
N SER B 364 8.09 10.56 32.57
CA SER B 364 6.98 9.73 32.99
C SER B 364 7.29 9.07 34.33
N LEU B 365 6.27 9.00 35.19
CA LEU B 365 6.38 8.32 36.47
C LEU B 365 5.35 7.20 36.63
N SER B 366 4.43 7.04 35.69
CA SER B 366 3.43 5.99 35.72
C SER B 366 3.50 5.18 34.43
N LEU B 367 3.30 3.87 34.54
CA LEU B 367 3.37 3.01 33.36
C LEU B 367 2.37 3.44 32.30
N CYS B 368 1.25 4.05 32.70
CA CYS B 368 0.28 4.52 31.72
C CYS B 368 0.90 5.51 30.75
N GLY B 369 1.96 6.21 31.16
CA GLY B 369 2.64 7.15 30.31
C GLY B 369 2.89 8.47 31.00
N PRO B 370 3.40 9.45 30.26
CA PRO B 370 3.65 10.76 30.86
C PRO B 370 2.41 11.42 31.44
N MET B 371 1.24 11.21 30.83
CA MET B 371 -0.01 11.81 31.27
C MET B 371 -0.98 10.72 31.68
N ALA B 372 -1.61 10.88 32.84
CA ALA B 372 -2.55 9.92 33.38
C ALA B 372 -3.82 10.66 33.79
N ALA B 373 -4.82 9.89 34.26
CA ALA B 373 -6.11 10.44 34.67
C ALA B 373 -6.40 10.05 36.10
N TYR B 374 -6.88 11.01 36.90
CA TYR B 374 -7.22 10.77 38.30
C TYR B 374 -8.50 11.51 38.63
N VAL B 375 -9.00 11.26 39.85
CA VAL B 375 -10.24 11.87 40.32
C VAL B 375 -9.97 12.54 41.66
N ASN B 376 -10.50 13.74 41.82
CA ASN B 376 -10.32 14.51 43.05
C ASN B 376 -11.24 13.98 44.15
N PRO B 377 -11.11 14.49 45.37
CA PRO B 377 -11.99 14.02 46.44
C PRO B 377 -13.47 14.18 46.13
N HIS B 378 -13.84 15.25 45.42
CA HIS B 378 -15.24 15.54 45.12
C HIS B 378 -15.69 14.93 43.81
N GLY B 379 -14.85 14.13 43.15
CA GLY B 379 -15.25 13.40 41.97
C GLY B 379 -14.84 14.01 40.64
N TYR B 380 -14.36 15.25 40.64
CA TYR B 380 -13.93 15.86 39.39
C TYR B 380 -12.71 15.14 38.83
N VAL B 381 -12.70 14.98 37.50
CA VAL B 381 -11.64 14.25 36.81
C VAL B 381 -10.58 15.23 36.34
N HIS B 382 -9.31 14.81 36.42
CA HIS B 382 -8.20 15.63 36.01
C HIS B 382 -7.16 14.78 35.31
N GLU B 383 -6.68 15.25 34.16
CA GLU B 383 -5.56 14.64 33.47
C GLU B 383 -4.27 15.34 33.87
N THR B 384 -3.34 14.59 34.45
CA THR B 384 -2.13 15.14 35.05
C THR B 384 -0.90 14.67 34.27
N LEU B 385 0.02 15.59 34.06
CA LEU B 385 1.29 15.35 33.37
C LEU B 385 2.43 15.72 34.30
N THR B 386 3.44 14.86 34.38
CA THR B 386 4.56 15.03 35.31
C THR B 386 5.74 15.68 34.60
N VAL B 387 6.38 16.64 35.27
CA VAL B 387 7.55 17.33 34.75
C VAL B 387 8.54 17.57 35.87
N TYR B 388 9.84 17.54 35.52
CA TYR B 388 10.87 17.76 36.53
C TYR B 388 10.82 19.18 37.07
N LYS B 389 10.68 20.17 36.18
CA LYS B 389 10.75 21.57 36.57
C LYS B 389 9.65 22.35 35.88
N ALA B 390 9.37 23.54 36.40
CA ALA B 390 8.38 24.44 35.83
C ALA B 390 8.92 25.86 35.93
N CYS B 391 8.06 26.83 35.65
CA CYS B 391 8.45 28.23 35.74
C CYS B 391 7.20 29.10 35.62
N ASN B 392 7.35 30.37 35.99
CA ASN B 392 6.28 31.35 35.88
C ASN B 392 5.04 30.90 36.66
N LEU B 393 5.28 30.44 37.90
CA LEU B 393 4.21 29.95 38.75
C LEU B 393 4.39 30.51 40.16
N ASN B 394 3.27 30.60 40.88
CA ASN B 394 3.25 31.01 42.27
C ASN B 394 2.58 29.92 43.10
N LEU B 395 3.13 29.68 44.28
CA LEU B 395 2.69 28.58 45.14
C LEU B 395 1.84 29.12 46.29
N ILE B 396 0.70 28.49 46.52
CA ILE B 396 -0.18 28.83 47.62
C ILE B 396 -0.53 27.54 48.36
N GLY B 397 -0.96 27.69 49.60
CA GLY B 397 -1.25 26.55 50.45
C GLY B 397 0.01 26.01 51.09
N ARG B 398 -0.17 24.87 51.78
CA ARG B 398 0.93 24.18 52.43
C ARG B 398 0.90 22.70 52.05
N PRO B 399 2.04 22.03 52.09
CA PRO B 399 2.06 20.62 51.70
C PRO B 399 1.09 19.80 52.53
N SER B 400 0.40 18.88 51.86
CA SER B 400 -0.56 18.00 52.51
C SER B 400 -0.57 16.65 51.79
N THR B 401 -0.60 15.58 52.58
CA THR B 401 -0.59 14.22 52.05
C THR B 401 -1.98 13.64 51.90
N GLU B 402 -3.03 14.43 52.14
CA GLU B 402 -4.39 13.92 52.09
C GLU B 402 -4.79 13.59 50.66
N HIS B 403 -5.31 12.38 50.45
CA HIS B 403 -5.92 11.98 49.19
C HIS B 403 -5.00 12.24 48.00
N SER B 404 -3.69 12.09 48.22
CA SER B 404 -2.71 12.32 47.17
C SER B 404 -2.68 11.14 46.21
N TRP B 405 -2.76 11.42 44.91
CA TRP B 405 -2.69 10.34 43.93
C TRP B 405 -1.32 9.65 43.97
N PHE B 406 -0.25 10.42 44.11
CA PHE B 406 1.08 9.85 44.17
C PHE B 406 1.39 9.44 45.60
N PRO B 407 1.63 8.15 45.87
CA PRO B 407 1.87 7.74 47.26
C PRO B 407 3.13 8.38 47.83
N GLY B 408 3.06 8.76 49.10
CA GLY B 408 4.19 9.35 49.79
C GLY B 408 4.63 10.69 49.22
N TYR B 409 3.66 11.58 48.97
CA TYR B 409 3.98 12.91 48.48
C TYR B 409 2.94 13.89 49.00
N ALA B 410 3.33 15.16 49.03
CA ALA B 410 2.45 16.27 49.38
C ALA B 410 2.21 17.13 48.14
N TRP B 411 1.42 18.20 48.32
CA TRP B 411 1.09 19.06 47.20
C TRP B 411 0.78 20.47 47.69
N THR B 412 1.04 21.44 46.81
CA THR B 412 0.72 22.84 47.04
C THR B 412 0.19 23.43 45.73
N VAL B 413 -0.80 24.30 45.81
CA VAL B 413 -1.51 24.74 44.62
C VAL B 413 -0.63 25.71 43.84
N ALA B 414 -0.55 25.52 42.53
CA ALA B 414 0.27 26.33 41.65
C ALA B 414 -0.61 27.15 40.71
N GLN B 415 -0.40 28.46 40.72
CA GLN B 415 -1.18 29.39 39.91
C GLN B 415 -0.25 30.11 38.94
N CYS B 416 -0.81 30.47 37.78
CA CYS B 416 -0.01 31.16 36.77
C CYS B 416 0.49 32.49 37.32
N LYS B 417 1.77 32.77 37.05
CA LYS B 417 2.38 34.01 37.53
C LYS B 417 1.70 35.25 36.96
N ILE B 418 1.00 35.11 35.84
CA ILE B 418 0.38 36.27 35.19
C ILE B 418 -1.10 36.32 35.51
N CYS B 419 -1.84 35.30 35.10
CA CYS B 419 -3.30 35.28 35.25
C CYS B 419 -3.77 34.60 36.53
N ALA B 420 -2.87 34.01 37.30
CA ALA B 420 -3.19 33.33 38.56
C ALA B 420 -4.08 32.11 38.35
N SER B 421 -4.29 31.69 37.11
CA SER B 421 -5.09 30.50 36.86
C SER B 421 -4.35 29.25 37.33
N HIS B 422 -5.09 28.33 37.93
CA HIS B 422 -4.50 27.09 38.40
C HIS B 422 -3.87 26.33 37.23
N ILE B 423 -2.67 25.81 37.46
CA ILE B 423 -1.95 25.07 36.42
C ILE B 423 -1.72 23.65 36.90
N GLY B 424 -1.65 23.45 38.21
CA GLY B 424 -1.41 22.14 38.78
C GLY B 424 -0.92 22.19 40.21
N TRP B 425 0.03 21.32 40.54
CA TRP B 425 0.55 21.23 41.89
C TRP B 425 2.03 20.90 41.85
N LYS B 426 2.72 21.22 42.95
CA LYS B 426 4.11 20.84 43.14
C LYS B 426 4.16 19.69 44.15
N PHE B 427 4.72 18.57 43.73
CA PHE B 427 4.84 17.40 44.59
C PHE B 427 6.25 17.30 45.14
N THR B 428 6.35 17.25 46.47
CA THR B 428 7.63 17.13 47.16
C THR B 428 7.55 15.94 48.11
N ALA B 429 8.53 15.05 48.02
CA ALA B 429 8.55 13.87 48.88
C ALA B 429 8.80 14.27 50.33
N THR B 430 8.24 13.47 51.25
CA THR B 430 8.52 13.63 52.67
C THR B 430 9.60 12.68 53.18
N LYS B 431 9.84 11.56 52.49
CA LYS B 431 10.94 10.66 52.76
C LYS B 431 12.02 10.85 51.70
N LYS B 432 13.27 10.60 52.08
CA LYS B 432 14.38 10.75 51.16
C LYS B 432 14.64 9.43 50.43
N ASP B 433 15.67 9.45 49.55
CA ASP B 433 16.02 8.32 48.70
C ASP B 433 14.95 8.09 47.62
N MET B 434 14.40 9.19 47.11
CA MET B 434 13.34 9.15 46.12
C MET B 434 13.85 9.74 44.80
N SER B 435 13.48 9.08 43.70
CA SER B 435 13.85 9.50 42.35
C SER B 435 12.59 9.92 41.61
N PRO B 436 12.29 11.21 41.46
CA PRO B 436 13.04 12.39 41.94
C PRO B 436 12.71 12.74 43.38
N GLN B 437 13.26 13.84 43.90
CA GLN B 437 12.88 14.34 45.21
C GLN B 437 11.69 15.27 45.15
N LYS B 438 11.50 15.96 44.02
CA LYS B 438 10.34 16.80 43.81
C LYS B 438 10.09 16.91 42.32
N PHE B 439 8.86 17.31 41.97
CA PHE B 439 8.48 17.52 40.58
C PHE B 439 7.16 18.29 40.56
N TRP B 440 6.59 18.46 39.37
CA TRP B 440 5.35 19.18 39.19
C TRP B 440 4.36 18.32 38.43
N GLY B 441 3.10 18.36 38.85
CA GLY B 441 2.03 17.75 38.11
C GLY B 441 1.07 18.79 37.58
N LEU B 442 1.05 18.97 36.26
CA LEU B 442 0.24 20.00 35.62
C LEU B 442 -0.99 19.37 34.99
N THR B 443 -2.15 20.01 35.18
CA THR B 443 -3.37 19.51 34.57
C THR B 443 -3.34 19.74 33.06
N ARG B 444 -3.94 18.80 32.33
CA ARG B 444 -3.92 18.87 30.87
C ARG B 444 -4.65 20.10 30.37
N SER B 445 -5.78 20.44 30.99
CA SER B 445 -6.64 21.50 30.46
C SER B 445 -5.87 22.81 30.32
N ALA B 446 -5.10 23.19 31.33
CA ALA B 446 -4.39 24.46 31.31
C ALA B 446 -3.25 24.49 30.29
N LEU B 447 -2.84 23.34 29.75
CA LEU B 447 -1.74 23.30 28.81
C LEU B 447 -2.17 23.77 27.42
N LEU B 448 -1.20 24.31 26.68
CA LEU B 448 -1.42 24.70 25.29
C LEU B 448 -0.14 24.42 24.50
N PRO B 449 -0.15 23.49 23.56
CA PRO B 449 1.06 23.25 22.76
C PRO B 449 1.35 24.40 21.81
N THR B 450 2.63 24.74 21.70
CA THR B 450 3.09 25.85 20.87
C THR B 450 4.32 25.42 20.10
N ILE B 451 4.35 25.80 18.83
CA ILE B 451 5.40 25.42 17.90
C ILE B 451 6.32 26.62 17.71
N PRO B 452 7.57 26.59 18.22
CA PRO B 452 8.50 27.70 18.02
C PRO B 452 8.71 28.02 16.54
N MET C 1 -23.02 11.61 -13.21
CA MET C 1 -22.94 12.64 -14.22
C MET C 1 -21.55 12.64 -14.86
N SER C 2 -20.92 11.46 -14.89
CA SER C 2 -19.59 11.32 -15.47
C SER C 2 -19.68 10.88 -16.94
N TYR C 3 -20.30 9.73 -17.17
CA TYR C 3 -20.54 9.23 -18.53
C TYR C 3 -19.23 9.10 -19.30
N ASN C 4 -18.36 8.23 -18.80
CA ASN C 4 -17.04 8.01 -19.37
C ASN C 4 -17.01 6.71 -20.17
N TYR C 5 -15.96 6.57 -20.98
CA TYR C 5 -15.79 5.43 -21.87
C TYR C 5 -14.31 5.07 -21.90
N VAL C 6 -13.97 3.84 -21.53
CA VAL C 6 -12.60 3.40 -21.37
C VAL C 6 -12.35 2.19 -22.27
N VAL C 7 -11.25 2.23 -23.01
CA VAL C 7 -10.88 1.17 -23.95
C VAL C 7 -9.37 0.93 -23.82
N THR C 8 -8.93 -0.21 -24.36
CA THR C 8 -7.53 -0.61 -24.34
C THR C 8 -6.94 -0.43 -25.73
N ALA C 9 -5.88 0.37 -25.82
CA ALA C 9 -5.21 0.59 -27.10
C ALA C 9 -4.04 -0.37 -27.32
N GLN C 10 -3.43 -0.85 -26.24
CA GLN C 10 -2.33 -1.80 -26.33
C GLN C 10 -2.54 -2.87 -25.27
N LYS C 11 -2.71 -4.11 -25.70
CA LYS C 11 -2.95 -5.21 -24.78
C LYS C 11 -1.72 -5.45 -23.91
N PRO C 12 -1.90 -5.95 -22.69
CA PRO C 12 -0.75 -6.15 -21.80
C PRO C 12 0.27 -7.10 -22.39
N THR C 13 1.54 -6.82 -22.11
CA THR C 13 2.66 -7.60 -22.65
C THR C 13 3.49 -8.30 -21.60
N ALA C 14 3.48 -7.84 -20.35
CA ALA C 14 4.27 -8.50 -19.31
C ALA C 14 3.79 -9.92 -19.10
N VAL C 15 4.75 -10.84 -18.99
CA VAL C 15 4.46 -12.26 -18.83
C VAL C 15 4.57 -12.61 -17.36
N ASN C 16 3.53 -13.22 -16.81
CA ASN C 16 3.55 -13.68 -15.43
C ASN C 16 3.21 -15.16 -15.30
N GLY C 17 3.00 -15.86 -16.42
CA GLY C 17 2.82 -17.30 -16.35
C GLY C 17 3.21 -18.02 -17.63
N CYS C 18 3.87 -19.17 -17.51
CA CYS C 18 4.21 -19.98 -18.66
C CYS C 18 4.17 -21.44 -18.27
N VAL C 19 3.48 -22.26 -19.10
CA VAL C 19 3.36 -23.69 -18.86
C VAL C 19 3.50 -24.42 -20.18
N THR C 20 3.91 -25.69 -20.10
CA THR C 20 4.07 -26.53 -21.28
C THR C 20 3.29 -27.83 -21.10
N GLY C 21 2.82 -28.37 -22.21
CA GLY C 21 2.15 -29.65 -22.18
C GLY C 21 1.34 -29.89 -23.43
N HIS C 22 0.83 -31.11 -23.52
CA HIS C 22 -0.01 -31.53 -24.65
C HIS C 22 -1.43 -31.08 -24.35
N PHE C 23 -1.78 -29.89 -24.84
CA PHE C 23 -3.06 -29.26 -24.56
C PHE C 23 -4.01 -29.32 -25.75
N THR C 24 -3.58 -28.84 -26.91
CA THR C 24 -4.45 -28.83 -28.09
C THR C 24 -4.52 -30.18 -28.78
N SER C 25 -3.56 -31.09 -28.50
CA SER C 25 -3.55 -32.39 -29.14
C SER C 25 -2.53 -33.26 -28.42
N ALA C 26 -2.88 -34.53 -28.23
CA ALA C 26 -1.97 -35.46 -27.57
C ALA C 26 -0.68 -35.66 -28.34
N GLU C 27 -0.69 -35.42 -29.66
CA GLU C 27 0.49 -35.56 -30.49
C GLU C 27 1.23 -34.25 -30.71
N ASP C 28 0.78 -33.17 -30.09
CA ASP C 28 1.40 -31.86 -30.24
C ASP C 28 1.91 -31.35 -28.90
N LEU C 29 2.97 -30.54 -28.95
CA LEU C 29 3.54 -29.90 -27.78
C LEU C 29 3.10 -28.44 -27.76
N ASN C 30 2.47 -28.02 -26.67
CA ASN C 30 1.85 -26.70 -26.59
C ASN C 30 2.48 -25.89 -25.47
N LEU C 31 2.63 -24.59 -25.72
CA LEU C 31 3.12 -23.63 -24.74
C LEU C 31 2.02 -22.62 -24.47
N LEU C 32 1.63 -22.48 -23.20
CA LEU C 32 0.60 -21.55 -22.78
C LEU C 32 1.26 -20.42 -21.98
N ILE C 33 0.97 -19.18 -22.37
CA ILE C 33 1.51 -17.99 -21.73
C ILE C 33 0.35 -17.16 -21.19
N ALA C 34 0.40 -16.85 -19.91
CA ALA C 34 -0.60 -16.04 -19.24
C ALA C 34 0.00 -14.69 -18.93
N LYS C 35 -0.58 -13.64 -19.54
CA LYS C 35 -0.16 -12.25 -19.36
C LYS C 35 -1.35 -11.52 -18.75
N ASN C 36 -1.39 -11.46 -17.42
CA ASN C 36 -2.46 -10.77 -16.72
C ASN C 36 -3.82 -11.33 -17.12
N THR C 37 -4.57 -10.61 -17.96
CA THR C 37 -5.92 -11.02 -18.35
C THR C 37 -5.96 -11.81 -19.65
N ARG C 38 -4.82 -12.03 -20.30
CA ARG C 38 -4.78 -12.66 -21.61
C ARG C 38 -4.10 -14.03 -21.52
N LEU C 39 -4.61 -14.98 -22.30
CA LEU C 39 -4.06 -16.32 -22.38
C LEU C 39 -3.74 -16.62 -23.83
N GLU C 40 -2.48 -16.96 -24.11
CA GLU C 40 -2.01 -17.23 -25.46
C GLU C 40 -1.53 -18.67 -25.55
N ILE C 41 -1.96 -19.37 -26.59
CA ILE C 41 -1.63 -20.78 -26.80
C ILE C 41 -0.87 -20.90 -28.10
N TYR C 42 0.39 -21.34 -28.01
CA TYR C 42 1.26 -21.54 -29.15
C TYR C 42 1.60 -23.02 -29.28
N VAL C 43 1.92 -23.44 -30.50
CA VAL C 43 2.42 -24.78 -30.79
C VAL C 43 3.89 -24.65 -31.11
N VAL C 44 4.72 -25.37 -30.38
CA VAL C 44 6.18 -25.29 -30.54
C VAL C 44 6.62 -26.28 -31.60
N THR C 45 7.40 -25.79 -32.56
CA THR C 45 7.94 -26.64 -33.62
C THR C 45 9.44 -26.38 -33.75
N ALA C 46 10.07 -26.97 -34.77
CA ALA C 46 11.50 -26.79 -34.96
C ALA C 46 11.84 -25.31 -35.18
N GLU C 47 11.05 -24.63 -36.01
CA GLU C 47 11.33 -23.22 -36.28
C GLU C 47 11.17 -22.37 -35.03
N GLY C 48 10.13 -22.62 -34.25
CA GLY C 48 9.86 -21.84 -33.06
C GLY C 48 8.37 -21.82 -32.77
N LEU C 49 7.98 -20.92 -31.86
CA LEU C 49 6.59 -20.81 -31.47
C LEU C 49 5.73 -20.40 -32.66
N ARG C 50 4.63 -21.12 -32.86
CA ARG C 50 3.65 -20.79 -33.90
C ARG C 50 2.34 -20.41 -33.22
N PRO C 51 1.91 -19.14 -33.24
CA PRO C 51 0.68 -18.77 -32.53
C PRO C 51 -0.51 -19.55 -33.06
N VAL C 52 -1.38 -19.97 -32.14
CA VAL C 52 -2.56 -20.75 -32.49
C VAL C 52 -3.81 -20.07 -31.97
N LYS C 53 -3.86 -19.81 -30.65
CA LYS C 53 -5.07 -19.28 -30.04
C LYS C 53 -4.70 -18.15 -29.09
N GLU C 54 -5.67 -17.25 -28.87
CA GLU C 54 -5.48 -16.14 -27.96
C GLU C 54 -6.86 -15.73 -27.44
N VAL C 55 -7.03 -15.75 -26.11
CA VAL C 55 -8.31 -15.44 -25.49
C VAL C 55 -8.10 -14.45 -24.35
N GLY C 56 -9.17 -13.77 -23.99
CA GLY C 56 -9.17 -12.85 -22.87
C GLY C 56 -10.16 -13.32 -21.82
N MET C 57 -9.74 -13.25 -20.55
CA MET C 57 -10.53 -13.71 -19.43
C MET C 57 -10.97 -12.54 -18.57
N TYR C 58 -12.11 -12.71 -17.90
CA TYR C 58 -12.63 -11.71 -16.97
C TYR C 58 -11.97 -11.85 -15.60
N GLY C 59 -10.65 -11.63 -15.60
CA GLY C 59 -9.91 -11.78 -14.36
C GLY C 59 -8.43 -11.68 -14.59
N LYS C 60 -7.71 -11.54 -13.48
CA LYS C 60 -6.25 -11.58 -13.46
C LYS C 60 -5.83 -13.01 -13.12
N ILE C 61 -5.22 -13.70 -14.08
CA ILE C 61 -4.81 -15.08 -13.89
C ILE C 61 -3.77 -15.16 -12.78
N ALA C 62 -4.13 -15.77 -11.65
CA ALA C 62 -3.21 -15.92 -10.54
C ALA C 62 -2.67 -17.33 -10.38
N VAL C 63 -3.32 -18.33 -10.96
CA VAL C 63 -2.86 -19.71 -10.91
C VAL C 63 -3.24 -20.39 -12.22
N MET C 64 -2.31 -21.16 -12.78
CA MET C 64 -2.54 -21.86 -14.03
C MET C 64 -1.78 -23.17 -14.00
N GLU C 65 -2.48 -24.27 -14.25
CA GLU C 65 -1.87 -25.59 -14.21
C GLU C 65 -2.57 -26.51 -15.21
N LEU C 66 -1.80 -27.46 -15.75
CA LEU C 66 -2.33 -28.49 -16.64
C LEU C 66 -2.31 -29.83 -15.93
N PHE C 67 -3.45 -30.52 -15.93
CA PHE C 67 -3.57 -31.84 -15.34
C PHE C 67 -4.37 -32.74 -16.26
N ARG C 68 -4.09 -34.03 -16.19
CA ARG C 68 -4.72 -35.04 -17.05
C ARG C 68 -5.33 -36.13 -16.18
N PRO C 69 -6.60 -35.98 -15.79
CA PRO C 69 -7.24 -37.01 -14.98
C PRO C 69 -7.45 -38.28 -15.80
N LYS C 70 -7.53 -39.41 -15.09
CA LYS C 70 -7.67 -40.70 -15.76
C LYS C 70 -8.91 -40.69 -16.64
N GLY C 71 -8.76 -41.22 -17.85
CA GLY C 71 -9.84 -41.29 -18.80
C GLY C 71 -9.94 -40.13 -19.77
N GLU C 72 -8.94 -39.26 -19.83
CA GLU C 72 -8.93 -38.11 -20.73
C GLU C 72 -7.88 -38.30 -21.81
N SER C 73 -8.28 -38.06 -23.06
CA SER C 73 -7.34 -38.19 -24.17
C SER C 73 -6.24 -37.14 -24.09
N LYS C 74 -6.59 -35.91 -23.70
CA LYS C 74 -5.62 -34.83 -23.61
C LYS C 74 -5.87 -34.03 -22.34
N ASP C 75 -4.87 -33.23 -21.97
CA ASP C 75 -4.89 -32.54 -20.70
C ASP C 75 -5.93 -31.43 -20.68
N LEU C 76 -6.35 -31.07 -19.48
CA LEU C 76 -7.26 -29.96 -19.23
C LEU C 76 -6.49 -28.81 -18.59
N LEU C 77 -7.13 -27.65 -18.48
CA LEU C 77 -6.52 -26.47 -17.89
C LEU C 77 -7.30 -26.05 -16.65
N PHE C 78 -6.58 -25.65 -15.61
CA PHE C 78 -7.16 -25.15 -14.37
C PHE C 78 -6.67 -23.73 -14.13
N ILE C 79 -7.60 -22.79 -14.02
CA ILE C 79 -7.28 -21.37 -13.87
C ILE C 79 -7.98 -20.83 -12.63
N LEU C 80 -7.28 -19.94 -11.92
CA LEU C 80 -7.84 -19.22 -10.79
C LEU C 80 -7.63 -17.73 -10.99
N THR C 81 -8.59 -16.95 -10.52
CA THR C 81 -8.57 -15.50 -10.67
C THR C 81 -8.31 -14.84 -9.32
N ALA C 82 -7.78 -13.62 -9.38
CA ALA C 82 -7.50 -12.87 -8.15
C ALA C 82 -8.76 -12.61 -7.33
N LYS C 83 -9.94 -12.68 -7.96
CA LYS C 83 -11.20 -12.58 -7.25
C LYS C 83 -11.73 -13.95 -6.82
N TYR C 84 -10.91 -15.00 -6.96
CA TYR C 84 -11.26 -16.35 -6.51
C TYR C 84 -12.35 -16.96 -7.38
N ASN C 85 -12.26 -16.75 -8.69
CA ASN C 85 -13.04 -17.51 -9.66
C ASN C 85 -12.16 -18.67 -10.15
N ALA C 86 -12.63 -19.89 -9.96
CA ALA C 86 -11.89 -21.08 -10.34
C ALA C 86 -12.61 -21.75 -11.51
N CYS C 87 -11.85 -22.22 -12.50
CA CYS C 87 -12.46 -22.82 -13.66
C CYS C 87 -11.57 -23.92 -14.23
N ILE C 88 -12.21 -24.99 -14.69
CA ILE C 88 -11.56 -26.09 -15.38
C ILE C 88 -12.06 -26.08 -16.82
N LEU C 89 -11.14 -25.95 -17.76
CA LEU C 89 -11.45 -25.75 -19.17
C LEU C 89 -10.83 -26.85 -20.02
N GLU C 90 -11.42 -27.07 -21.19
CA GLU C 90 -10.93 -28.02 -22.18
C GLU C 90 -10.83 -27.33 -23.53
N TYR C 91 -9.86 -27.75 -24.33
CA TYR C 91 -9.64 -27.23 -25.67
C TYR C 91 -10.29 -28.18 -26.68
N LYS C 92 -11.37 -27.72 -27.31
CA LYS C 92 -12.10 -28.50 -28.29
C LYS C 92 -12.00 -27.82 -29.64
N GLN C 93 -11.59 -28.57 -30.66
CA GLN C 93 -11.50 -28.07 -32.03
C GLN C 93 -12.50 -28.82 -32.90
N SER C 94 -13.38 -28.06 -33.57
CA SER C 94 -14.38 -28.61 -34.47
C SER C 94 -14.17 -28.00 -35.84
N GLY C 95 -13.63 -28.80 -36.76
CA GLY C 95 -13.36 -28.28 -38.09
C GLY C 95 -12.38 -27.13 -38.01
N GLU C 96 -12.77 -26.00 -38.60
CA GLU C 96 -11.96 -24.79 -38.59
C GLU C 96 -12.32 -23.85 -37.44
N SER C 97 -13.28 -24.23 -36.59
CA SER C 97 -13.69 -23.41 -35.46
C SER C 97 -13.01 -23.93 -34.20
N ILE C 98 -12.40 -23.01 -33.44
CA ILE C 98 -11.69 -23.34 -32.21
C ILE C 98 -12.36 -22.60 -31.06
N ASP C 99 -12.65 -23.33 -29.99
CA ASP C 99 -13.32 -22.74 -28.83
C ASP C 99 -12.87 -23.48 -27.59
N ILE C 100 -13.03 -22.81 -26.44
CA ILE C 100 -12.71 -23.37 -25.13
C ILE C 100 -14.01 -23.53 -24.37
N ILE C 101 -14.28 -24.75 -23.90
CA ILE C 101 -15.54 -25.08 -23.23
C ILE C 101 -15.26 -25.26 -21.75
N THR C 102 -16.07 -24.63 -20.92
CA THR C 102 -15.88 -24.65 -19.47
C THR C 102 -16.37 -25.99 -18.92
N ARG C 103 -15.42 -26.88 -18.61
CA ARG C 103 -15.77 -28.13 -17.98
C ARG C 103 -16.40 -27.91 -16.61
N ALA C 104 -15.84 -26.98 -15.82
CA ALA C 104 -16.38 -26.68 -14.50
C ALA C 104 -16.02 -25.24 -14.14
N HIS C 105 -16.81 -24.68 -13.23
CA HIS C 105 -16.58 -23.31 -12.78
C HIS C 105 -17.17 -23.14 -11.39
N GLY C 106 -16.59 -22.20 -10.64
CA GLY C 106 -17.08 -21.93 -9.30
C GLY C 106 -16.34 -20.76 -8.68
N ASN C 107 -16.75 -20.43 -7.46
CA ASN C 107 -16.11 -19.38 -6.67
C ASN C 107 -15.66 -19.98 -5.35
N VAL C 108 -14.41 -19.71 -4.97
CA VAL C 108 -13.80 -20.37 -3.82
C VAL C 108 -13.42 -19.35 -2.76
N GLN C 109 -14.17 -18.27 -2.67
CA GLN C 109 -13.91 -17.25 -1.66
C GLN C 109 -14.55 -17.63 -0.33
N ASP C 110 -13.88 -17.26 0.75
CA ASP C 110 -14.38 -17.46 2.11
C ASP C 110 -14.91 -16.13 2.65
N ARG C 111 -16.00 -16.21 3.42
CA ARG C 111 -16.65 -15.00 3.91
C ARG C 111 -15.73 -14.22 4.84
N ILE C 112 -15.01 -14.92 5.71
CA ILE C 112 -14.17 -14.30 6.72
C ILE C 112 -12.76 -14.86 6.59
N GLY C 113 -11.77 -13.97 6.61
CA GLY C 113 -10.40 -14.39 6.55
C GLY C 113 -9.49 -13.24 6.16
N ARG C 114 -8.20 -13.53 6.16
CA ARG C 114 -7.17 -12.55 5.81
C ARG C 114 -6.24 -13.20 4.79
N PRO C 115 -6.03 -12.61 3.61
CA PRO C 115 -5.13 -13.23 2.63
C PRO C 115 -3.73 -13.38 3.20
N SER C 116 -3.07 -14.47 2.81
CA SER C 116 -1.74 -14.76 3.32
C SER C 116 -0.72 -13.76 2.79
N GLU C 117 0.33 -13.55 3.58
CA GLU C 117 1.36 -12.59 3.18
C GLU C 117 2.07 -13.05 1.91
N THR C 118 2.40 -14.34 1.81
CA THR C 118 3.12 -14.84 0.65
C THR C 118 2.26 -14.92 -0.59
N GLY C 119 0.93 -14.79 -0.46
CA GLY C 119 0.04 -14.77 -1.59
C GLY C 119 -0.61 -16.10 -1.89
N ILE C 120 -1.51 -16.08 -2.88
CA ILE C 120 -2.24 -17.28 -3.27
C ILE C 120 -1.27 -18.35 -3.76
N ILE C 121 -1.53 -19.59 -3.38
CA ILE C 121 -0.77 -20.74 -3.85
C ILE C 121 -1.75 -21.82 -4.29
N GLY C 122 -1.49 -22.42 -5.44
CA GLY C 122 -2.32 -23.52 -5.93
C GLY C 122 -1.46 -24.68 -6.35
N ILE C 123 -1.96 -25.90 -6.10
CA ILE C 123 -1.21 -27.11 -6.40
C ILE C 123 -2.20 -28.21 -6.74
N ILE C 124 -1.76 -29.15 -7.59
CA ILE C 124 -2.56 -30.27 -8.03
C ILE C 124 -1.79 -31.55 -7.73
N ASP C 125 -2.46 -32.52 -7.12
CA ASP C 125 -1.80 -33.76 -6.75
C ASP C 125 -1.31 -34.49 -8.00
N PRO C 126 -0.13 -35.11 -7.95
CA PRO C 126 0.35 -35.83 -9.14
C PRO C 126 -0.60 -36.89 -9.66
N GLU C 127 -1.29 -37.60 -8.77
CA GLU C 127 -2.24 -38.63 -9.20
C GLU C 127 -3.53 -38.03 -9.75
N CYS C 128 -3.71 -36.71 -9.66
CA CYS C 128 -4.90 -36.03 -10.19
C CYS C 128 -6.15 -36.50 -9.45
N ARG C 129 -6.13 -36.33 -8.13
CA ARG C 129 -7.24 -36.71 -7.28
C ARG C 129 -7.85 -35.54 -6.51
N MET C 130 -7.13 -34.44 -6.35
CA MET C 130 -7.64 -33.30 -5.58
C MET C 130 -6.84 -32.06 -5.99
N ILE C 131 -7.38 -30.90 -5.60
CA ILE C 131 -6.72 -29.61 -5.81
C ILE C 131 -6.55 -28.94 -4.46
N GLY C 132 -5.32 -28.52 -4.16
CA GLY C 132 -5.03 -27.87 -2.89
C GLY C 132 -4.67 -26.41 -3.06
N LEU C 133 -5.39 -25.54 -2.36
CA LEU C 133 -5.18 -24.10 -2.44
C LEU C 133 -4.86 -23.55 -1.06
N ARG C 134 -3.98 -22.53 -1.05
CA ARG C 134 -3.65 -21.78 0.15
C ARG C 134 -3.93 -20.32 -0.15
N LEU C 135 -4.95 -19.77 0.49
CA LEU C 135 -5.38 -18.40 0.28
C LEU C 135 -5.35 -17.56 1.56
N TYR C 136 -5.74 -18.14 2.69
CA TYR C 136 -5.78 -17.45 3.97
C TYR C 136 -4.89 -18.19 4.97
N ASP C 137 -4.23 -17.44 5.83
CA ASP C 137 -3.37 -18.04 6.84
C ASP C 137 -4.19 -18.89 7.80
N GLY C 138 -3.63 -20.04 8.17
CA GLY C 138 -4.27 -20.93 9.12
C GLY C 138 -5.30 -21.87 8.52
N LEU C 139 -5.47 -21.87 7.21
CA LEU C 139 -6.43 -22.75 6.55
C LEU C 139 -5.84 -23.29 5.26
N PHE C 140 -6.34 -24.45 4.85
CA PHE C 140 -5.89 -25.10 3.62
C PHE C 140 -7.12 -25.64 2.91
N LYS C 141 -7.43 -25.10 1.73
CA LYS C 141 -8.66 -25.48 1.02
C LYS C 141 -8.38 -26.65 0.10
N VAL C 142 -9.29 -27.63 0.10
CA VAL C 142 -9.18 -28.81 -0.74
C VAL C 142 -10.45 -28.93 -1.57
N ILE C 143 -10.28 -29.09 -2.88
CA ILE C 143 -11.35 -29.35 -3.83
C ILE C 143 -11.21 -30.80 -4.29
N PRO C 144 -12.12 -31.70 -3.93
CA PRO C 144 -12.10 -33.05 -4.51
C PRO C 144 -12.26 -32.97 -6.03
N LEU C 145 -11.55 -33.83 -6.73
CA LEU C 145 -11.51 -33.84 -8.19
C LEU C 145 -12.25 -35.08 -8.68
N ASP C 146 -13.52 -34.89 -9.05
CA ASP C 146 -14.35 -35.96 -9.57
C ASP C 146 -15.10 -35.45 -10.80
N ARG C 147 -15.45 -36.39 -11.68
CA ARG C 147 -16.15 -36.01 -12.91
C ARG C 147 -17.49 -35.35 -12.65
N ASP C 148 -18.09 -35.60 -11.49
CA ASP C 148 -19.40 -35.06 -11.14
C ASP C 148 -19.29 -33.95 -10.09
N ASN C 149 -18.22 -33.15 -10.17
CA ASN C 149 -17.98 -32.04 -9.26
C ASN C 149 -18.00 -30.72 -10.02
N LYS C 150 -18.98 -30.55 -10.91
CA LYS C 150 -19.04 -29.38 -11.76
C LYS C 150 -19.20 -28.09 -10.98
N GLU C 151 -19.68 -28.15 -9.74
CA GLU C 151 -19.82 -26.96 -8.91
C GLU C 151 -18.57 -26.62 -8.12
N LEU C 152 -17.57 -27.51 -8.11
CA LEU C 152 -16.31 -27.30 -7.40
C LEU C 152 -16.57 -26.97 -5.92
N LYS C 153 -17.20 -27.92 -5.24
CA LYS C 153 -17.39 -27.81 -3.80
C LYS C 153 -16.07 -28.08 -3.08
N ALA C 154 -15.71 -27.19 -2.16
CA ALA C 154 -14.43 -27.25 -1.47
C ALA C 154 -14.66 -27.33 0.04
N PHE C 155 -13.68 -27.88 0.74
CA PHE C 155 -13.71 -27.93 2.20
C PHE C 155 -12.36 -27.46 2.76
N ASN C 156 -12.43 -26.76 3.88
CA ASN C 156 -11.24 -26.23 4.53
C ASN C 156 -10.69 -27.22 5.55
N ILE C 157 -9.38 -27.18 5.74
CA ILE C 157 -8.69 -27.98 6.75
C ILE C 157 -7.85 -27.04 7.61
N ARG C 158 -7.93 -27.24 8.92
CA ARG C 158 -7.15 -26.42 9.85
C ARG C 158 -5.66 -26.72 9.70
N LEU C 159 -4.85 -25.66 9.78
CA LEU C 159 -3.40 -25.77 9.70
C LEU C 159 -2.80 -25.07 10.91
N GLU C 160 -1.99 -25.81 11.68
CA GLU C 160 -1.48 -25.28 12.93
C GLU C 160 -0.42 -24.21 12.71
N GLU C 161 0.42 -24.37 11.68
CA GLU C 161 1.50 -23.44 11.42
C GLU C 161 0.96 -22.23 10.67
N LEU C 162 0.93 -21.08 11.34
CA LEU C 162 0.34 -19.88 10.73
C LEU C 162 1.17 -19.40 9.54
N HIS C 163 2.49 -19.33 9.69
CA HIS C 163 3.37 -18.73 8.69
C HIS C 163 3.96 -19.85 7.82
N VAL C 164 3.22 -20.22 6.78
CA VAL C 164 3.68 -21.21 5.81
C VAL C 164 4.35 -20.47 4.66
N ILE C 165 5.62 -20.78 4.42
CA ILE C 165 6.38 -20.12 3.36
C ILE C 165 6.15 -20.80 2.02
N ASP C 166 6.21 -22.13 1.98
CA ASP C 166 6.07 -22.85 0.73
C ASP C 166 5.43 -24.21 1.01
N VAL C 167 4.84 -24.80 -0.03
CA VAL C 167 4.17 -26.09 0.10
C VAL C 167 4.04 -26.70 -1.29
N LYS C 168 4.24 -28.02 -1.36
CA LYS C 168 4.08 -28.74 -2.62
C LYS C 168 3.81 -30.20 -2.33
N PHE C 169 3.07 -30.85 -3.23
CA PHE C 169 2.83 -32.27 -3.16
C PHE C 169 4.07 -33.05 -3.57
N LEU C 170 4.24 -34.23 -2.98
CA LEU C 170 5.38 -35.09 -3.25
C LEU C 170 4.98 -36.23 -4.18
N TYR C 171 5.90 -36.59 -5.09
CA TYR C 171 5.68 -37.70 -6.00
C TYR C 171 5.94 -39.04 -5.32
N GLY C 172 5.31 -40.08 -5.85
CA GLY C 172 5.57 -41.43 -5.39
C GLY C 172 5.19 -41.69 -3.95
N CYS C 173 4.00 -41.25 -3.55
CA CYS C 173 3.48 -41.48 -2.21
C CYS C 173 2.16 -42.24 -2.30
N GLN C 174 1.96 -43.17 -1.36
CA GLN C 174 0.79 -44.04 -1.42
C GLN C 174 -0.50 -43.24 -1.33
N ALA C 175 -0.53 -42.23 -0.46
CA ALA C 175 -1.67 -41.36 -0.28
C ALA C 175 -1.23 -39.91 -0.46
N PRO C 176 -2.17 -39.00 -0.81
CA PRO C 176 -1.78 -37.61 -1.03
C PRO C 176 -0.96 -37.05 0.12
N THR C 177 0.30 -36.72 -0.15
CA THR C 177 1.23 -36.20 0.83
C THR C 177 1.74 -34.83 0.39
N ILE C 178 1.85 -33.91 1.34
CA ILE C 178 2.32 -32.55 1.06
C ILE C 178 3.49 -32.24 1.98
N CYS C 179 4.55 -31.69 1.41
CA CYS C 179 5.71 -31.21 2.16
C CYS C 179 5.72 -29.68 2.08
N PHE C 180 5.88 -29.03 3.22
CA PHE C 180 5.81 -27.58 3.28
C PHE C 180 6.86 -27.04 4.25
N VAL C 181 7.41 -25.89 3.89
CA VAL C 181 8.37 -25.16 4.71
C VAL C 181 7.66 -23.97 5.33
N TYR C 182 7.75 -23.86 6.66
CA TYR C 182 7.08 -22.83 7.45
C TYR C 182 8.09 -22.23 8.41
N GLN C 183 7.66 -21.21 9.15
CA GLN C 183 8.51 -20.48 10.08
C GLN C 183 7.80 -20.30 11.41
N ASP C 184 8.60 -20.16 12.46
CA ASP C 184 8.11 -19.92 13.81
C ASP C 184 9.23 -19.30 14.62
N PRO C 185 8.97 -18.88 15.86
CA PRO C 185 10.03 -18.19 16.62
C PRO C 185 11.33 -18.99 16.72
N GLN C 186 11.25 -20.32 16.83
CA GLN C 186 12.46 -21.11 16.88
C GLN C 186 13.27 -21.00 15.59
N GLY C 187 12.60 -21.01 14.45
CA GLY C 187 13.29 -20.94 13.17
C GLY C 187 12.37 -21.42 12.06
N ARG C 188 13.00 -21.81 10.94
CA ARG C 188 12.28 -22.33 9.80
C ARG C 188 12.40 -23.84 9.76
N HIS C 189 11.30 -24.52 9.41
CA HIS C 189 11.22 -25.96 9.46
C HIS C 189 10.50 -26.48 8.22
N VAL C 190 10.74 -27.76 7.93
CA VAL C 190 10.08 -28.48 6.84
C VAL C 190 9.30 -29.64 7.44
N LYS C 191 8.03 -29.75 7.08
CA LYS C 191 7.13 -30.71 7.69
C LYS C 191 6.22 -31.30 6.63
N THR C 192 5.73 -32.52 6.90
CA THR C 192 4.92 -33.27 5.94
C THR C 192 3.59 -33.65 6.56
N TYR C 193 2.57 -33.70 5.71
CA TYR C 193 1.23 -34.14 6.10
C TYR C 193 0.69 -35.10 5.06
N GLU C 194 -0.24 -35.95 5.48
CA GLU C 194 -1.02 -36.78 4.57
C GLU C 194 -2.48 -36.39 4.68
N VAL C 195 -3.11 -36.13 3.54
CA VAL C 195 -4.47 -35.61 3.50
C VAL C 195 -5.45 -36.78 3.36
N SER C 196 -6.44 -36.84 4.25
CA SER C 196 -7.47 -37.87 4.21
C SER C 196 -8.77 -37.22 3.74
N LEU C 197 -9.25 -37.63 2.57
CA LEU C 197 -10.47 -37.08 2.01
C LEU C 197 -11.70 -37.66 2.70
N ARG C 198 -11.65 -38.96 3.04
CA ARG C 198 -12.81 -39.60 3.65
C ARG C 198 -13.19 -38.93 4.95
N GLU C 199 -12.19 -38.60 5.79
CA GLU C 199 -12.42 -37.90 7.03
C GLU C 199 -12.18 -36.40 6.92
N LYS C 200 -11.57 -35.95 5.83
CA LYS C 200 -11.24 -34.53 5.64
C LYS C 200 -10.32 -34.05 6.76
N GLU C 201 -9.17 -34.71 6.87
CA GLU C 201 -8.26 -34.45 7.99
C GLU C 201 -6.81 -34.55 7.53
N PHE C 202 -5.91 -34.24 8.46
CA PHE C 202 -4.48 -34.41 8.27
C PHE C 202 -3.98 -35.55 9.15
N ASN C 203 -2.96 -36.25 8.66
CA ASN C 203 -2.35 -37.35 9.39
C ASN C 203 -0.84 -37.24 9.27
N LYS C 204 -0.15 -37.80 10.25
CA LYS C 204 1.31 -37.71 10.30
C LYS C 204 1.92 -38.25 9.02
N GLY C 205 2.91 -37.52 8.51
CA GLY C 205 3.54 -37.87 7.26
C GLY C 205 4.66 -38.87 7.42
N PRO C 206 5.30 -39.25 6.31
CA PRO C 206 6.36 -40.26 6.37
C PRO C 206 7.51 -39.88 7.29
N TRP C 207 8.13 -38.73 7.06
CA TRP C 207 9.28 -38.29 7.84
C TRP C 207 8.93 -37.07 8.68
N LYS C 208 9.49 -37.00 9.87
CA LYS C 208 9.18 -35.95 10.83
C LYS C 208 9.86 -34.65 10.44
N GLN C 209 9.61 -33.60 11.23
CA GLN C 209 10.15 -32.28 10.95
C GLN C 209 11.66 -32.27 11.10
N GLU C 210 12.32 -31.53 10.22
CA GLU C 210 13.76 -31.35 10.24
C GLU C 210 14.07 -29.86 10.23
N ASN C 211 14.87 -29.40 11.18
CA ASN C 211 15.27 -28.00 11.20
C ASN C 211 16.07 -27.69 9.93
N VAL C 212 15.72 -26.60 9.27
CA VAL C 212 16.29 -26.24 7.98
C VAL C 212 17.05 -24.94 8.12
N GLU C 213 17.73 -24.55 7.04
CA GLU C 213 18.52 -23.32 7.03
C GLU C 213 17.62 -22.11 7.25
N ALA C 214 18.19 -21.08 7.87
CA ALA C 214 17.44 -19.89 8.30
C ALA C 214 16.98 -19.01 7.15
N GLU C 215 17.14 -19.41 5.88
CA GLU C 215 16.67 -18.61 4.77
C GLU C 215 16.07 -19.47 3.66
N ALA C 216 15.73 -20.72 3.95
CA ALA C 216 15.13 -21.58 2.95
C ALA C 216 13.85 -20.94 2.42
N SER C 217 13.72 -20.87 1.10
CA SER C 217 12.60 -20.18 0.47
C SER C 217 11.94 -20.96 -0.66
N MET C 218 12.62 -21.91 -1.29
CA MET C 218 12.07 -22.62 -2.44
C MET C 218 12.02 -24.10 -2.17
N VAL C 219 10.93 -24.74 -2.61
CA VAL C 219 10.74 -26.18 -2.50
C VAL C 219 10.48 -26.73 -3.89
N ILE C 220 11.22 -27.78 -4.27
CA ILE C 220 11.06 -28.44 -5.55
C ILE C 220 10.80 -29.92 -5.29
N ALA C 221 9.76 -30.46 -5.92
CA ALA C 221 9.40 -31.86 -5.74
C ALA C 221 10.13 -32.70 -6.79
N VAL C 222 11.02 -33.57 -6.34
CA VAL C 222 11.77 -34.45 -7.23
C VAL C 222 10.88 -35.64 -7.60
N PRO C 223 10.62 -35.88 -8.88
CA PRO C 223 9.77 -37.02 -9.25
C PRO C 223 10.45 -38.35 -9.01
N GLU C 224 9.78 -39.44 -9.40
CA GLU C 224 10.39 -40.75 -9.32
C GLU C 224 11.62 -40.81 -10.24
N PRO C 225 12.58 -41.68 -9.94
CA PRO C 225 12.62 -42.67 -8.84
C PRO C 225 13.16 -42.10 -7.53
N PHE C 226 13.75 -40.91 -7.53
CA PHE C 226 14.39 -40.39 -6.33
C PHE C 226 13.37 -40.01 -5.27
N GLY C 227 12.32 -39.29 -5.67
CA GLY C 227 11.35 -38.82 -4.71
C GLY C 227 11.95 -37.75 -3.78
N GLY C 228 11.24 -37.51 -2.69
CA GLY C 228 11.69 -36.54 -1.72
C GLY C 228 11.50 -35.11 -2.21
N ALA C 229 12.21 -34.20 -1.56
CA ALA C 229 12.13 -32.78 -1.87
C ALA C 229 13.52 -32.17 -1.87
N ILE C 230 13.66 -31.07 -2.62
CA ILE C 230 14.89 -30.28 -2.66
C ILE C 230 14.54 -28.87 -2.21
N ILE C 231 15.22 -28.40 -1.18
CA ILE C 231 14.97 -27.08 -0.60
C ILE C 231 16.14 -26.17 -0.97
N ILE C 232 15.80 -25.00 -1.52
CA ILE C 232 16.78 -24.03 -2.00
C ILE C 232 16.65 -22.76 -1.17
N GLY C 233 17.76 -22.33 -0.59
CA GLY C 233 17.84 -21.08 0.14
C GLY C 233 18.95 -20.20 -0.41
N GLN C 234 19.29 -19.12 0.31
CA GLN C 234 20.29 -18.19 -0.20
C GLN C 234 21.67 -18.85 -0.29
N GLU C 235 22.07 -19.57 0.74
CA GLU C 235 23.47 -20.01 0.89
C GLU C 235 23.66 -21.51 0.76
N SER C 236 22.62 -22.28 0.48
CA SER C 236 22.79 -23.73 0.38
C SER C 236 21.59 -24.34 -0.35
N ILE C 237 21.81 -25.53 -0.90
CA ILE C 237 20.77 -26.34 -1.51
C ILE C 237 20.81 -27.71 -0.85
N THR C 238 19.66 -28.18 -0.38
CA THR C 238 19.58 -29.43 0.38
C THR C 238 18.54 -30.34 -0.24
N TYR C 239 18.67 -31.63 0.05
CA TYR C 239 17.76 -32.66 -0.42
C TYR C 239 17.37 -33.53 0.77
N HIS C 240 16.06 -33.64 1.00
CA HIS C 240 15.50 -34.45 2.08
C HIS C 240 14.65 -35.55 1.49
N ASN C 241 14.83 -36.78 1.98
CA ASN C 241 13.99 -37.90 1.60
C ASN C 241 13.66 -38.77 2.81
N GLY C 242 13.67 -38.18 4.01
CA GLY C 242 13.46 -38.93 5.22
C GLY C 242 14.77 -39.25 5.91
N ASP C 243 15.18 -40.53 5.86
CA ASP C 243 16.47 -40.90 6.42
C ASP C 243 17.61 -40.20 5.66
N LYS C 244 17.49 -40.12 4.34
CA LYS C 244 18.51 -39.48 3.54
C LYS C 244 18.49 -37.97 3.74
N TYR C 245 19.67 -37.36 3.64
CA TYR C 245 19.82 -35.90 3.79
C TYR C 245 21.14 -35.52 3.15
N LEU C 246 21.11 -34.68 2.11
CA LEU C 246 22.32 -34.33 1.40
C LEU C 246 22.29 -32.85 1.04
N ALA C 247 23.29 -32.09 1.50
CA ALA C 247 23.32 -30.65 1.34
C ALA C 247 24.63 -30.21 0.70
N ILE C 248 24.59 -29.07 0.01
CA ILE C 248 25.78 -28.45 -0.55
C ILE C 248 25.65 -26.94 -0.42
N ALA C 249 26.79 -26.26 -0.35
CA ALA C 249 26.85 -24.80 -0.23
C ALA C 249 27.85 -24.26 -1.24
N PRO C 250 27.50 -24.29 -2.53
CA PRO C 250 28.44 -23.80 -3.53
C PRO C 250 28.66 -22.31 -3.38
N PRO C 251 29.86 -21.82 -3.72
CA PRO C 251 30.15 -20.40 -3.59
C PRO C 251 29.74 -19.55 -4.78
N ILE C 252 29.07 -20.12 -5.78
CA ILE C 252 28.69 -19.35 -6.96
C ILE C 252 27.36 -18.62 -6.73
N ILE C 253 26.41 -19.27 -6.04
CA ILE C 253 25.06 -18.72 -5.94
C ILE C 253 24.91 -17.65 -4.88
N LYS C 254 25.95 -17.42 -4.06
CA LYS C 254 25.82 -16.44 -2.99
C LYS C 254 25.68 -15.01 -3.49
N GLN C 255 25.97 -14.75 -4.77
CA GLN C 255 25.85 -13.39 -5.28
C GLN C 255 24.41 -12.91 -5.28
N SER C 256 23.47 -13.76 -5.68
CA SER C 256 22.07 -13.39 -5.79
C SER C 256 21.20 -14.53 -5.27
N THR C 257 19.89 -14.34 -5.35
CA THR C 257 18.92 -15.30 -4.85
C THR C 257 18.15 -15.91 -6.02
N ILE C 258 18.02 -17.23 -6.00
CA ILE C 258 17.27 -17.94 -7.03
C ILE C 258 15.79 -17.77 -6.76
N VAL C 259 15.03 -17.37 -7.79
CA VAL C 259 13.62 -17.02 -7.58
C VAL C 259 12.72 -17.74 -8.58
N CYS C 260 13.24 -18.76 -9.26
CA CYS C 260 12.42 -19.54 -10.18
C CYS C 260 13.18 -20.80 -10.57
N HIS C 261 12.45 -21.78 -11.09
CA HIS C 261 13.04 -23.06 -11.46
C HIS C 261 12.14 -23.72 -12.49
N ASN C 262 12.67 -24.78 -13.11
CA ASN C 262 11.89 -25.57 -14.05
C ASN C 262 12.59 -26.90 -14.36
N ARG C 263 11.85 -27.99 -14.25
CA ARG C 263 12.40 -29.31 -14.54
C ARG C 263 12.70 -29.45 -16.03
N VAL C 264 13.78 -30.14 -16.34
CA VAL C 264 14.22 -30.37 -17.73
C VAL C 264 14.02 -31.83 -18.12
N ASP C 265 14.71 -32.75 -17.46
CA ASP C 265 14.56 -34.16 -17.77
C ASP C 265 13.24 -34.70 -17.20
N PRO C 266 12.55 -35.58 -17.92
CA PRO C 266 11.30 -36.13 -17.36
C PRO C 266 11.50 -36.85 -16.04
N ASN C 267 12.65 -37.48 -15.82
CA ASN C 267 12.93 -38.22 -14.60
C ASN C 267 13.56 -37.35 -13.52
N GLY C 268 13.81 -36.07 -13.80
CA GLY C 268 14.34 -35.18 -12.79
C GLY C 268 15.85 -35.22 -12.61
N SER C 269 16.59 -35.67 -13.63
CA SER C 269 18.03 -35.72 -13.50
C SER C 269 18.64 -34.33 -13.39
N ARG C 270 18.06 -33.35 -14.09
CA ARG C 270 18.57 -31.99 -14.10
C ARG C 270 17.42 -31.01 -13.88
N TYR C 271 17.78 -29.77 -13.54
CA TYR C 271 16.81 -28.72 -13.34
C TYR C 271 17.46 -27.38 -13.66
N LEU C 272 16.63 -26.39 -13.97
CA LEU C 272 17.08 -25.04 -14.25
C LEU C 272 16.80 -24.14 -13.06
N LEU C 273 17.54 -23.03 -13.01
CA LEU C 273 17.32 -22.02 -11.99
C LEU C 273 17.70 -20.64 -12.55
N GLY C 274 17.03 -19.62 -12.07
CA GLY C 274 17.38 -18.26 -12.43
C GLY C 274 17.28 -17.33 -11.24
N ASP C 275 18.19 -16.35 -11.22
CA ASP C 275 18.26 -15.40 -10.11
C ASP C 275 17.79 -14.02 -10.56
N MET C 276 17.78 -13.09 -9.60
CA MET C 276 17.22 -11.76 -9.84
C MET C 276 18.10 -10.91 -10.75
N GLU C 277 19.39 -11.21 -10.83
CA GLU C 277 20.30 -10.44 -11.67
C GLU C 277 20.39 -11.00 -13.08
N GLY C 278 19.60 -12.02 -13.42
CA GLY C 278 19.58 -12.60 -14.74
C GLY C 278 20.36 -13.88 -14.88
N ARG C 279 21.14 -14.27 -13.88
CA ARG C 279 21.98 -15.44 -14.05
C ARG C 279 21.10 -16.69 -14.19
N LEU C 280 21.54 -17.59 -15.06
CA LEU C 280 20.86 -18.85 -15.34
C LEU C 280 21.81 -19.98 -15.00
N PHE C 281 21.39 -20.82 -14.06
CA PHE C 281 22.17 -21.94 -13.55
C PHE C 281 21.47 -23.26 -13.89
N MET C 282 22.26 -24.33 -13.95
CA MET C 282 21.77 -25.68 -14.14
C MET C 282 22.19 -26.52 -12.94
N LEU C 283 21.20 -27.07 -12.23
CA LEU C 283 21.45 -27.94 -11.09
C LEU C 283 21.35 -29.39 -11.53
N LEU C 284 22.35 -30.19 -11.18
CA LEU C 284 22.43 -31.58 -11.62
C LEU C 284 22.34 -32.50 -10.41
N LEU C 285 21.52 -33.55 -10.53
CA LEU C 285 21.42 -34.61 -9.53
C LEU C 285 22.11 -35.85 -10.09
N GLU C 286 22.99 -36.44 -9.29
CA GLU C 286 23.74 -37.62 -9.70
C GLU C 286 23.03 -38.87 -9.20
N LYS C 287 22.82 -39.83 -10.09
CA LYS C 287 22.07 -41.03 -9.78
C LYS C 287 22.98 -42.15 -9.33
N GLU C 288 22.54 -42.88 -8.30
CA GLU C 288 23.26 -44.03 -7.77
C GLU C 288 22.37 -45.26 -7.91
N GLU C 289 22.91 -46.33 -8.49
CA GLU C 289 22.14 -47.54 -8.74
C GLU C 289 22.08 -48.47 -7.53
N GLN C 290 22.77 -48.14 -6.44
CA GLN C 290 22.77 -48.99 -5.23
C GLN C 290 23.35 -50.34 -5.64
N MET C 291 22.84 -51.46 -5.10
CA MET C 291 23.35 -52.78 -5.44
C MET C 291 22.24 -53.81 -5.62
N ASP C 292 20.97 -53.40 -5.59
CA ASP C 292 19.85 -54.33 -5.71
C ASP C 292 18.79 -53.77 -6.67
N GLY C 293 19.22 -53.02 -7.68
CA GLY C 293 18.32 -52.46 -8.67
C GLY C 293 17.76 -51.10 -8.30
N THR C 294 17.36 -50.93 -7.04
CA THR C 294 16.82 -49.65 -6.59
C THR C 294 17.85 -48.55 -6.77
N VAL C 295 17.38 -47.37 -7.18
CA VAL C 295 18.25 -46.22 -7.43
C VAL C 295 18.00 -45.17 -6.37
N THR C 296 19.03 -44.36 -6.11
CA THR C 296 18.95 -43.32 -5.09
C THR C 296 19.88 -42.18 -5.46
N LEU C 297 19.62 -41.01 -4.88
CA LEU C 297 20.47 -39.84 -5.11
C LEU C 297 21.85 -40.07 -4.52
N LYS C 298 22.85 -39.47 -5.15
CA LYS C 298 24.23 -39.65 -4.73
C LYS C 298 24.95 -38.33 -4.48
N ASP C 299 24.70 -37.31 -5.29
CA ASP C 299 25.39 -36.03 -5.14
C ASP C 299 24.68 -34.97 -5.96
N LEU C 300 24.93 -33.72 -5.61
CA LEU C 300 24.39 -32.56 -6.31
C LEU C 300 25.52 -31.68 -6.81
N ARG C 301 25.26 -30.97 -7.90
CA ARG C 301 26.24 -30.07 -8.48
C ARG C 301 25.53 -28.87 -9.09
N VAL C 302 26.28 -27.77 -9.23
CA VAL C 302 25.76 -26.52 -9.76
C VAL C 302 26.74 -25.98 -10.78
N GLU C 303 26.22 -25.45 -11.89
CA GLU C 303 27.05 -24.87 -12.93
C GLU C 303 26.34 -23.64 -13.49
N LEU C 304 27.09 -22.56 -13.68
CA LEU C 304 26.52 -21.32 -14.20
C LEU C 304 26.42 -21.43 -15.71
N LEU C 305 25.22 -21.68 -16.22
CA LEU C 305 25.02 -21.73 -17.66
C LEU C 305 25.33 -20.37 -18.29
N GLY C 306 24.80 -19.29 -17.74
CA GLY C 306 25.16 -17.99 -18.27
C GLY C 306 24.28 -16.86 -17.76
N GLU C 307 24.00 -15.91 -18.66
CA GLU C 307 23.21 -14.73 -18.34
C GLU C 307 22.15 -14.51 -19.41
N THR C 308 20.99 -14.03 -18.97
CA THR C 308 19.86 -13.74 -19.85
C THR C 308 19.11 -12.55 -19.26
N SER C 309 17.88 -12.34 -19.74
CA SER C 309 17.04 -11.31 -19.17
C SER C 309 16.71 -11.66 -17.71
N ILE C 310 16.07 -10.70 -17.03
CA ILE C 310 15.66 -10.92 -15.65
C ILE C 310 14.47 -11.87 -15.68
N ALA C 311 14.73 -13.15 -15.44
CA ALA C 311 13.72 -14.18 -15.63
C ALA C 311 12.67 -14.14 -14.53
N GLU C 312 11.41 -14.21 -14.93
CA GLU C 312 10.29 -14.38 -14.00
C GLU C 312 9.82 -15.83 -13.92
N CYS C 313 9.97 -16.60 -15.00
CA CYS C 313 9.56 -18.00 -15.01
C CYS C 313 10.24 -18.68 -16.18
N LEU C 314 11.02 -19.72 -15.89
CA LEU C 314 11.72 -20.47 -16.93
C LEU C 314 10.84 -21.59 -17.48
N THR C 315 11.25 -22.12 -18.62
CA THR C 315 10.59 -23.29 -19.20
C THR C 315 11.46 -23.84 -20.31
N TYR C 316 11.60 -25.16 -20.35
CA TYR C 316 12.41 -25.85 -21.35
C TYR C 316 11.48 -26.50 -22.36
N LEU C 317 11.67 -26.20 -23.64
CA LEU C 317 10.77 -26.70 -24.67
C LEU C 317 11.29 -27.99 -25.30
N ASP C 318 12.43 -27.91 -25.99
CA ASP C 318 13.06 -29.09 -26.58
C ASP C 318 14.33 -28.65 -27.30
N ASN C 319 15.25 -29.61 -27.47
CA ASN C 319 16.47 -29.38 -28.24
C ASN C 319 17.25 -28.17 -27.75
N GLY C 320 17.26 -27.99 -26.43
CA GLY C 320 18.00 -26.89 -25.84
C GLY C 320 17.34 -25.53 -25.96
N VAL C 321 16.13 -25.46 -26.51
CA VAL C 321 15.43 -24.19 -26.67
C VAL C 321 14.70 -23.89 -25.36
N VAL C 322 15.04 -22.76 -24.75
CA VAL C 322 14.49 -22.34 -23.47
C VAL C 322 13.81 -20.99 -23.65
N PHE C 323 12.57 -20.89 -23.21
CA PHE C 323 11.81 -19.64 -23.23
C PHE C 323 11.93 -18.98 -21.87
N VAL C 324 12.44 -17.75 -21.85
CA VAL C 324 12.64 -16.99 -20.63
C VAL C 324 11.67 -15.82 -20.68
N GLY C 325 10.59 -15.91 -19.91
CA GLY C 325 9.65 -14.82 -19.79
C GLY C 325 10.04 -13.91 -18.64
N SER C 326 9.94 -12.60 -18.87
CA SER C 326 10.40 -11.61 -17.92
C SER C 326 9.32 -10.55 -17.70
N ARG C 327 9.18 -10.13 -16.44
CA ARG C 327 8.26 -9.06 -16.09
C ARG C 327 8.85 -7.67 -16.28
N LEU C 328 10.18 -7.58 -16.41
CA LEU C 328 10.87 -6.30 -16.51
C LEU C 328 11.45 -6.05 -17.91
N GLY C 329 12.02 -7.07 -18.54
CA GLY C 329 12.61 -6.91 -19.84
C GLY C 329 11.78 -7.53 -20.95
N ASP C 330 12.44 -8.16 -21.91
CA ASP C 330 11.79 -8.76 -23.07
C ASP C 330 11.95 -10.28 -23.01
N SER C 331 10.85 -10.99 -23.16
CA SER C 331 10.91 -12.45 -23.19
C SER C 331 11.75 -12.92 -24.36
N GLN C 332 12.51 -14.00 -24.15
CA GLN C 332 13.48 -14.46 -25.12
C GLN C 332 13.33 -15.96 -25.35
N LEU C 333 13.81 -16.40 -26.51
CA LEU C 333 14.08 -17.80 -26.78
C LEU C 333 15.59 -17.95 -26.93
N VAL C 334 16.20 -18.83 -26.13
CA VAL C 334 17.65 -18.99 -26.13
C VAL C 334 17.98 -20.46 -26.35
N LYS C 335 19.20 -20.71 -26.79
CA LYS C 335 19.68 -22.05 -27.08
C LYS C 335 20.87 -22.37 -26.17
N LEU C 336 20.85 -23.58 -25.61
CA LEU C 336 21.90 -24.06 -24.72
C LEU C 336 22.82 -24.97 -25.53
N ASN C 337 23.96 -24.44 -25.92
CA ASN C 337 24.93 -25.22 -26.68
C ASN C 337 25.73 -26.13 -25.75
N VAL C 338 26.40 -27.11 -26.36
CA VAL C 338 27.25 -28.03 -25.59
C VAL C 338 28.67 -27.50 -25.43
N ASP C 339 29.08 -26.54 -26.26
CA ASP C 339 30.41 -25.94 -26.18
C ASP C 339 30.26 -24.44 -25.98
N SER C 340 30.98 -23.90 -25.01
CA SER C 340 30.90 -22.47 -24.72
C SER C 340 31.58 -21.66 -25.81
N ASN C 341 31.17 -20.40 -25.91
CA ASN C 341 31.76 -19.47 -26.86
C ASN C 341 33.10 -18.96 -26.31
N GLU C 342 33.67 -17.95 -26.96
CA GLU C 342 34.94 -17.40 -26.50
C GLU C 342 34.81 -16.83 -25.09
N GLN C 343 33.74 -16.08 -24.84
CA GLN C 343 33.54 -15.51 -23.50
C GLN C 343 33.32 -16.61 -22.47
N GLY C 344 32.52 -17.63 -22.81
CA GLY C 344 32.24 -18.72 -21.91
C GLY C 344 30.75 -19.00 -21.76
N SER C 345 29.92 -18.07 -22.22
CA SER C 345 28.48 -18.24 -22.09
C SER C 345 28.00 -19.41 -22.95
N TYR C 346 27.08 -20.19 -22.40
CA TYR C 346 26.47 -21.30 -23.12
C TYR C 346 25.15 -20.92 -23.78
N VAL C 347 24.57 -19.79 -23.42
CA VAL C 347 23.26 -19.38 -23.93
C VAL C 347 23.47 -18.48 -25.14
N VAL C 348 22.77 -18.79 -26.23
CA VAL C 348 22.79 -17.98 -27.44
C VAL C 348 21.37 -17.51 -27.72
N ALA C 349 21.18 -16.20 -27.86
CA ALA C 349 19.86 -15.64 -28.11
C ALA C 349 19.36 -16.03 -29.49
N MET C 350 18.05 -16.21 -29.60
CA MET C 350 17.41 -16.56 -30.86
C MET C 350 16.34 -15.57 -31.29
N GLU C 351 15.50 -15.09 -30.38
CA GLU C 351 14.42 -14.18 -30.73
C GLU C 351 14.18 -13.23 -29.56
N THR C 352 13.11 -12.44 -29.67
CA THR C 352 12.76 -11.49 -28.62
C THR C 352 11.29 -11.10 -28.80
N PHE C 353 10.65 -10.74 -27.69
CA PHE C 353 9.25 -10.33 -27.69
C PHE C 353 9.13 -8.98 -26.99
N THR C 354 8.40 -8.06 -27.63
CA THR C 354 8.28 -6.71 -27.10
C THR C 354 7.57 -6.72 -25.75
N ASN C 355 8.00 -5.84 -24.85
CA ASN C 355 7.40 -5.74 -23.52
C ASN C 355 7.61 -4.30 -23.03
N LEU C 356 6.55 -3.50 -23.11
CA LEU C 356 6.63 -2.10 -22.73
C LEU C 356 6.68 -1.90 -21.22
N GLY C 357 6.19 -2.86 -20.45
CA GLY C 357 6.12 -2.71 -19.02
C GLY C 357 7.44 -2.96 -18.32
N PRO C 358 7.64 -2.33 -17.15
CA PRO C 358 6.77 -1.36 -16.48
C PRO C 358 6.92 0.04 -17.06
N ILE C 359 5.82 0.75 -17.29
CA ILE C 359 5.84 2.11 -17.80
C ILE C 359 5.80 3.06 -16.61
N VAL C 360 6.94 3.66 -16.30
CA VAL C 360 7.02 4.57 -15.15
C VAL C 360 6.74 6.02 -15.53
N ASP C 361 6.79 6.37 -16.81
CA ASP C 361 6.49 7.72 -17.26
C ASP C 361 6.38 7.68 -18.78
N MET C 362 5.69 8.69 -19.32
CA MET C 362 5.46 8.76 -20.75
C MET C 362 5.15 10.18 -21.15
N CYS C 363 5.27 10.46 -22.45
CA CYS C 363 4.95 11.77 -22.99
C CYS C 363 4.42 11.60 -24.41
N VAL C 364 3.68 12.61 -24.86
CA VAL C 364 3.11 12.64 -26.20
C VAL C 364 3.77 13.79 -26.96
N VAL C 365 4.35 13.48 -28.12
CA VAL C 365 5.05 14.46 -28.93
C VAL C 365 4.67 14.29 -30.40
N ASP C 366 4.85 15.36 -31.16
CA ASP C 366 4.55 15.39 -32.59
C ASP C 366 5.87 15.63 -33.32
N LEU C 367 6.52 14.54 -33.74
CA LEU C 367 7.88 14.64 -34.26
C LEU C 367 7.90 15.12 -35.71
N GLU C 368 7.28 14.36 -36.62
CA GLU C 368 7.42 14.64 -38.04
C GLU C 368 6.07 14.81 -38.73
N ARG C 369 5.04 14.11 -38.25
CA ARG C 369 3.73 14.16 -38.91
C ARG C 369 3.14 15.57 -38.83
N GLN C 370 3.25 16.21 -37.66
CA GLN C 370 2.72 17.55 -37.44
C GLN C 370 1.20 17.53 -37.31
N GLY C 371 0.57 16.38 -37.57
CA GLY C 371 -0.85 16.23 -37.39
C GLY C 371 -1.21 15.00 -36.57
N GLN C 372 -0.26 14.07 -36.46
CA GLN C 372 -0.47 12.81 -35.77
C GLN C 372 0.52 12.70 -34.61
N GLY C 373 0.01 12.33 -33.43
CA GLY C 373 0.84 12.23 -32.26
C GLY C 373 1.62 10.92 -32.19
N GLN C 374 2.58 10.90 -31.26
CA GLN C 374 3.39 9.72 -31.00
C GLN C 374 3.73 9.68 -29.52
N LEU C 375 3.99 8.47 -29.02
CA LEU C 375 4.20 8.22 -27.61
C LEU C 375 5.65 7.86 -27.35
N VAL C 376 6.23 8.44 -26.30
CA VAL C 376 7.58 8.10 -25.85
C VAL C 376 7.49 7.70 -24.39
N THR C 377 7.88 6.45 -24.09
CA THR C 377 7.73 5.90 -22.75
C THR C 377 9.07 5.40 -22.24
N CYS C 378 9.23 5.45 -20.92
CA CYS C 378 10.42 4.94 -20.24
C CYS C 378 10.05 3.58 -19.65
N SER C 379 10.54 2.52 -20.27
CA SER C 379 10.20 1.15 -19.89
C SER C 379 11.39 0.46 -19.25
N GLY C 380 11.13 -0.67 -18.60
CA GLY C 380 12.17 -1.51 -18.07
C GLY C 380 12.74 -0.99 -16.77
N ALA C 381 13.70 -1.75 -16.25
CA ALA C 381 14.41 -1.38 -15.02
C ALA C 381 15.72 -2.15 -14.97
N PHE C 382 16.64 -1.66 -14.15
CA PHE C 382 17.97 -2.27 -14.00
C PHE C 382 18.62 -2.30 -15.38
N LYS C 383 19.18 -3.42 -15.82
CA LYS C 383 19.81 -3.50 -17.13
C LYS C 383 18.81 -3.67 -18.26
N GLU C 384 17.51 -3.49 -17.99
CA GLU C 384 16.47 -3.61 -19.00
C GLU C 384 15.84 -2.28 -19.38
N GLY C 385 16.19 -1.19 -18.68
CA GLY C 385 15.56 0.08 -18.98
C GLY C 385 15.85 0.54 -20.40
N SER C 386 14.88 1.25 -20.96
CA SER C 386 14.98 1.70 -22.35
C SER C 386 13.88 2.71 -22.62
N LEU C 387 13.94 3.30 -23.81
CA LEU C 387 12.91 4.20 -24.30
C LEU C 387 12.14 3.53 -25.44
N ARG C 388 10.81 3.66 -25.41
CA ARG C 388 9.95 3.06 -26.41
C ARG C 388 9.21 4.17 -27.16
N ILE C 389 9.29 4.14 -28.48
CA ILE C 389 8.58 5.07 -29.34
C ILE C 389 7.44 4.30 -30.00
N ILE C 390 6.21 4.77 -29.80
CA ILE C 390 5.00 4.08 -30.24
C ILE C 390 4.23 5.01 -31.16
N ARG C 391 3.81 4.48 -32.32
CA ARG C 391 3.00 5.26 -33.25
C ARG C 391 2.06 4.33 -34.00
N ASN C 392 0.94 4.89 -34.45
CA ASN C 392 -0.01 4.10 -35.23
C ASN C 392 0.59 3.74 -36.58
N GLY C 393 0.27 2.55 -37.05
CA GLY C 393 0.77 2.07 -38.33
C GLY C 393 0.15 2.82 -39.50
N LYS C 405 -2.59 -2.34 -35.66
CA LYS C 405 -1.33 -2.62 -34.99
C LYS C 405 -0.57 -1.33 -34.70
N LEU C 406 0.37 -1.41 -33.75
CA LEU C 406 1.17 -0.27 -33.35
C LEU C 406 2.63 -0.53 -33.69
N HIS C 407 3.26 0.43 -34.35
CA HIS C 407 4.69 0.38 -34.63
C HIS C 407 5.47 0.85 -33.40
N ILE C 408 6.43 0.02 -32.97
CA ILE C 408 7.19 0.25 -31.75
C ILE C 408 8.67 0.21 -32.08
N ARG C 409 9.42 1.19 -31.57
CA ARG C 409 10.87 1.25 -31.70
C ARG C 409 11.49 1.33 -30.32
N THR C 410 12.67 0.73 -30.18
CA THR C 410 13.33 0.57 -28.89
C THR C 410 14.69 1.25 -28.89
N VAL C 411 15.03 1.87 -27.77
CA VAL C 411 16.34 2.49 -27.57
C VAL C 411 16.86 2.08 -26.19
N PRO C 412 17.79 1.14 -26.10
CA PRO C 412 18.26 0.71 -24.77
C PRO C 412 19.13 1.77 -24.11
N LEU C 413 19.16 1.70 -22.78
CA LEU C 413 19.97 2.62 -21.98
C LEU C 413 20.87 1.86 -21.01
N TYR C 414 20.45 0.67 -20.60
CA TYR C 414 21.18 -0.18 -19.66
C TYR C 414 21.20 0.39 -18.25
N GLU C 415 20.20 1.22 -17.90
CA GLU C 415 20.03 1.70 -16.54
C GLU C 415 18.55 2.00 -16.35
N SER C 416 18.20 2.55 -15.18
CA SER C 416 16.79 2.69 -14.82
C SER C 416 16.33 4.11 -15.10
N PRO C 417 15.51 4.36 -16.13
CA PRO C 417 14.92 5.68 -16.30
C PRO C 417 13.72 5.89 -15.40
N ARG C 418 13.50 7.14 -15.03
CA ARG C 418 12.44 7.49 -14.08
C ARG C 418 11.49 8.55 -14.61
N LYS C 419 12.00 9.55 -15.33
CA LYS C 419 11.17 10.66 -15.81
C LYS C 419 11.65 11.07 -17.19
N ILE C 420 10.78 11.77 -17.92
CA ILE C 420 11.07 12.21 -19.28
C ILE C 420 10.25 13.45 -19.59
N CYS C 421 10.83 14.33 -20.40
CA CYS C 421 10.13 15.51 -20.89
C CYS C 421 10.73 15.89 -22.24
N TYR C 422 9.96 16.66 -23.01
CA TYR C 422 10.35 17.04 -24.37
C TYR C 422 10.53 18.54 -24.45
N GLN C 423 11.69 18.96 -24.97
CA GLN C 423 12.01 20.36 -25.20
C GLN C 423 12.06 20.56 -26.71
N GLU C 424 11.03 21.20 -27.26
CA GLU C 424 10.90 21.30 -28.71
C GLU C 424 11.99 22.19 -29.31
N VAL C 425 12.36 23.27 -28.61
CA VAL C 425 13.25 24.26 -29.20
C VAL C 425 14.59 23.63 -29.56
N SER C 426 15.16 22.85 -28.65
CA SER C 426 16.48 22.27 -28.84
C SER C 426 16.45 20.88 -29.47
N GLN C 427 15.26 20.37 -29.80
CA GLN C 427 15.13 19.08 -30.48
C GLN C 427 15.81 17.97 -29.67
N CYS C 428 15.51 17.92 -28.37
CA CYS C 428 16.16 16.96 -27.49
C CYS C 428 15.19 16.51 -26.39
N PHE C 429 15.49 15.34 -25.84
CA PHE C 429 14.77 14.79 -24.70
C PHE C 429 15.65 14.83 -23.47
N GLY C 430 15.07 15.25 -22.35
CA GLY C 430 15.76 15.21 -21.06
C GLY C 430 15.21 14.11 -20.19
N VAL C 431 16.07 13.17 -19.79
CA VAL C 431 15.65 11.96 -19.09
C VAL C 431 16.38 11.88 -17.76
N LEU C 432 15.64 11.69 -16.68
CA LEU C 432 16.24 11.35 -15.40
C LEU C 432 16.46 9.84 -15.34
N SER C 433 17.65 9.43 -14.95
CA SER C 433 18.00 8.02 -14.87
C SER C 433 18.82 7.77 -13.62
N SER C 434 18.90 6.49 -13.24
CA SER C 434 19.68 6.07 -12.09
C SER C 434 20.35 4.75 -12.39
N ARG C 435 21.52 4.56 -11.78
CA ARG C 435 22.27 3.31 -11.90
C ARG C 435 22.81 2.93 -10.53
N ILE C 436 23.26 1.67 -10.43
CA ILE C 436 23.77 1.11 -9.19
C ILE C 436 25.28 0.98 -9.29
N GLU C 437 25.97 1.37 -8.23
CA GLU C 437 27.43 1.24 -8.16
C GLU C 437 27.80 0.56 -6.86
N VAL C 438 28.77 -0.36 -6.94
CA VAL C 438 29.23 -1.09 -5.77
C VAL C 438 30.28 -0.25 -5.05
N GLN C 439 30.16 -0.17 -3.72
CA GLN C 439 31.11 0.60 -2.94
C GLN C 439 32.50 -0.03 -3.04
N ASP C 440 33.52 0.84 -3.01
CA ASP C 440 34.90 0.42 -3.14
C ASP C 440 35.56 0.37 -1.77
N THR C 441 36.20 -0.76 -1.46
CA THR C 441 36.90 -0.89 -0.18
C THR C 441 38.01 0.14 -0.05
N SER C 442 38.56 0.59 -1.17
CA SER C 442 39.61 1.61 -1.18
C SER C 442 39.07 3.03 -1.31
N GLY C 443 37.76 3.19 -1.29
CA GLY C 443 37.14 4.50 -1.46
C GLY C 443 36.63 4.69 -2.86
N GLY C 444 35.55 5.47 -2.98
CA GLY C 444 34.90 5.67 -4.26
C GLY C 444 33.90 4.59 -4.58
N THR C 445 33.48 4.58 -5.84
CA THR C 445 32.48 3.65 -6.32
C THR C 445 32.93 3.06 -7.64
N THR C 446 32.44 1.86 -7.94
CA THR C 446 32.78 1.14 -9.17
C THR C 446 31.51 0.77 -9.91
N ALA C 447 31.47 1.05 -11.20
CA ALA C 447 30.32 0.69 -12.03
C ALA C 447 30.35 -0.81 -12.35
N LEU C 448 29.17 -1.34 -12.67
CA LEU C 448 29.03 -2.76 -12.98
C LEU C 448 29.09 -3.04 -14.47
N ARG C 449 28.61 -2.13 -15.31
CA ARG C 449 28.62 -2.34 -16.75
C ARG C 449 28.54 -0.98 -17.43
N PRO C 450 28.93 -0.89 -18.70
CA PRO C 450 28.80 0.39 -19.42
C PRO C 450 27.35 0.78 -19.64
N SER C 451 26.91 1.87 -19.00
CA SER C 451 25.55 2.37 -19.15
C SER C 451 25.55 3.64 -19.98
N ALA C 452 24.37 4.01 -20.46
CA ALA C 452 24.23 5.19 -21.30
C ALA C 452 24.66 6.46 -20.58
N SER C 453 24.62 6.47 -19.25
CA SER C 453 25.01 7.65 -18.48
C SER C 453 26.52 7.84 -18.43
N THR C 454 27.30 6.86 -18.89
CA THR C 454 28.75 6.95 -18.85
C THR C 454 29.39 6.99 -20.24
N GLN C 455 28.64 6.69 -21.29
CA GLN C 455 29.15 6.68 -22.66
C GLN C 455 28.81 7.94 -23.43
N ALA C 456 28.29 8.97 -22.76
CA ALA C 456 27.94 10.21 -23.44
C ALA C 456 29.17 10.90 -23.99
N LEU C 457 28.97 11.66 -25.07
CA LEU C 457 30.10 12.37 -25.68
C LEU C 457 30.72 13.37 -24.69
N SER C 458 29.89 14.11 -23.97
CA SER C 458 30.34 15.07 -22.97
C SER C 458 29.61 14.83 -21.67
N SER C 459 30.33 14.92 -20.56
CA SER C 459 29.79 14.67 -19.24
C SER C 459 30.25 15.75 -18.27
N SER C 460 29.56 15.85 -17.14
CA SER C 460 29.89 16.83 -16.12
C SER C 460 29.36 16.34 -14.78
N VAL C 461 29.87 16.94 -13.71
CA VAL C 461 29.49 16.61 -12.35
C VAL C 461 29.14 17.89 -11.61
N SER C 462 28.04 17.86 -10.86
CA SER C 462 27.58 19.05 -10.16
C SER C 462 28.59 19.50 -9.11
N SER C 463 28.71 20.81 -8.93
CA SER C 463 29.62 21.35 -7.95
C SER C 463 29.09 21.10 -6.54
N SER C 464 29.97 20.65 -5.65
CA SER C 464 29.56 20.32 -4.29
C SER C 464 29.20 21.56 -3.51
N LYS C 465 28.37 21.36 -2.48
CA LYS C 465 27.94 22.45 -1.60
C LYS C 465 27.64 21.85 -0.24
N LEU C 466 27.43 22.73 0.74
CA LEU C 466 27.22 22.32 2.13
C LEU C 466 28.44 21.57 2.65
N PHE C 478 33.49 -2.58 1.69
CA PHE C 478 32.15 -2.26 2.15
C PHE C 478 31.12 -3.03 1.33
N GLY C 479 31.16 -2.86 0.02
CA GLY C 479 30.36 -3.66 -0.89
C GLY C 479 28.86 -3.52 -0.73
N GLU C 480 28.37 -2.28 -0.65
CA GLU C 480 26.94 -2.01 -0.59
C GLU C 480 26.54 -1.15 -1.79
N GLU C 481 25.40 -1.48 -2.38
CA GLU C 481 24.94 -0.77 -3.56
C GLU C 481 24.65 0.69 -3.24
N VAL C 482 24.96 1.58 -4.18
CA VAL C 482 24.71 3.00 -4.05
C VAL C 482 24.05 3.49 -5.34
N GLU C 483 23.02 4.32 -5.19
CA GLU C 483 22.31 4.88 -6.32
C GLU C 483 23.03 6.13 -6.84
N VAL C 484 23.24 6.20 -8.14
CA VAL C 484 23.81 7.38 -8.79
C VAL C 484 22.79 7.87 -9.81
N HIS C 485 22.38 9.13 -9.67
CA HIS C 485 21.36 9.72 -10.52
C HIS C 485 21.99 10.66 -11.55
N ASN C 486 21.45 10.62 -12.76
CA ASN C 486 21.98 11.40 -13.87
C ASN C 486 20.84 11.99 -14.68
N LEU C 487 21.15 13.09 -15.35
CA LEU C 487 20.27 13.72 -16.33
C LEU C 487 20.91 13.55 -17.71
N LEU C 488 20.16 12.96 -18.63
CA LEU C 488 20.65 12.64 -19.97
C LEU C 488 19.93 13.51 -20.99
N ILE C 489 20.70 14.15 -21.87
CA ILE C 489 20.17 14.90 -23.00
C ILE C 489 20.39 14.06 -24.25
N ILE C 490 19.31 13.66 -24.90
CA ILE C 490 19.32 12.72 -26.01
C ILE C 490 18.73 13.40 -27.23
N ASP C 491 19.40 13.24 -28.38
CA ASP C 491 18.88 13.80 -29.62
C ASP C 491 17.56 13.13 -29.99
N GLN C 492 16.67 13.89 -30.62
CA GLN C 492 15.35 13.39 -30.98
C GLN C 492 15.34 12.62 -32.30
N HIS C 493 16.41 12.71 -33.10
CA HIS C 493 16.46 12.05 -34.40
C HIS C 493 17.22 10.72 -34.33
N THR C 494 18.48 10.76 -33.91
CA THR C 494 19.30 9.56 -33.81
C THR C 494 19.22 8.91 -32.44
N PHE C 495 18.61 9.56 -31.45
CA PHE C 495 18.51 9.05 -30.09
C PHE C 495 19.87 8.73 -29.49
N GLU C 496 20.93 9.35 -30.01
CA GLU C 496 22.24 9.22 -29.41
C GLU C 496 22.31 10.03 -28.11
N VAL C 497 23.15 9.58 -27.18
CA VAL C 497 23.28 10.24 -25.89
C VAL C 497 24.14 11.47 -26.05
N LEU C 498 23.51 12.62 -26.34
CA LEU C 498 24.27 13.84 -26.60
C LEU C 498 25.06 14.26 -25.37
N HIS C 499 24.44 14.24 -24.19
CA HIS C 499 25.11 14.74 -22.99
C HIS C 499 24.62 14.01 -21.77
N ALA C 500 25.47 13.98 -20.74
CA ALA C 500 25.13 13.39 -19.45
C ALA C 500 25.59 14.33 -18.34
N HIS C 501 24.84 14.35 -17.24
CA HIS C 501 25.17 15.16 -16.08
C HIS C 501 24.92 14.35 -14.83
N GLN C 502 25.84 14.43 -13.88
CA GLN C 502 25.78 13.65 -12.64
C GLN C 502 25.55 14.57 -11.45
N PHE C 503 24.73 14.10 -10.51
CA PHE C 503 24.42 14.87 -9.31
C PHE C 503 25.40 14.51 -8.19
N LEU C 504 25.25 15.18 -7.05
CA LEU C 504 26.10 14.94 -5.90
C LEU C 504 25.80 13.56 -5.30
N GLN C 505 26.58 13.19 -4.29
CA GLN C 505 26.33 11.97 -3.55
C GLN C 505 25.17 12.18 -2.59
N ASN C 506 24.38 11.11 -2.39
CA ASN C 506 23.23 11.15 -1.48
C ASN C 506 22.22 12.20 -1.92
N GLU C 507 21.96 12.27 -3.23
CA GLU C 507 20.96 13.16 -3.79
C GLU C 507 20.04 12.34 -4.70
N TYR C 508 18.75 12.63 -4.63
CA TYR C 508 17.73 11.86 -5.33
C TYR C 508 16.90 12.82 -6.18
N ALA C 509 16.97 12.65 -7.50
CA ALA C 509 16.17 13.48 -8.40
C ALA C 509 14.76 12.92 -8.51
N LEU C 510 13.77 13.77 -8.25
CA LEU C 510 12.37 13.33 -8.20
C LEU C 510 11.55 13.81 -9.39
N SER C 511 11.58 15.09 -9.69
CA SER C 511 10.72 15.68 -10.72
C SER C 511 11.55 16.29 -11.83
N LEU C 512 10.91 16.46 -12.98
CA LEU C 512 11.54 17.06 -14.16
C LEU C 512 10.49 17.86 -14.92
N VAL C 513 10.89 19.04 -15.39
CA VAL C 513 9.97 19.93 -16.09
C VAL C 513 10.76 20.75 -17.11
N SER C 514 10.12 21.02 -18.24
CA SER C 514 10.66 21.89 -19.27
C SER C 514 9.63 22.97 -19.58
N CYS C 515 10.05 24.23 -19.55
CA CYS C 515 9.12 25.33 -19.72
C CYS C 515 9.89 26.65 -19.75
N LYS C 516 9.20 27.69 -20.18
CA LYS C 516 9.67 29.07 -20.04
C LYS C 516 9.18 29.64 -18.71
N LEU C 517 9.67 30.83 -18.38
CA LEU C 517 9.28 31.49 -17.14
C LEU C 517 9.29 32.99 -17.33
N GLY C 518 8.24 33.65 -16.85
CA GLY C 518 8.17 35.10 -16.89
C GLY C 518 8.33 35.62 -18.32
N LYS C 519 9.14 36.66 -18.46
CA LYS C 519 9.42 37.26 -19.75
C LYS C 519 10.69 36.71 -20.39
N ASP C 520 11.37 35.77 -19.75
CA ASP C 520 12.59 35.19 -20.29
C ASP C 520 12.26 34.39 -21.54
N PRO C 521 12.84 34.69 -22.70
CA PRO C 521 12.50 33.96 -23.92
C PRO C 521 13.19 32.61 -24.05
N ASN C 522 14.16 32.30 -23.19
CA ASN C 522 14.90 31.05 -23.31
C ASN C 522 14.06 29.88 -22.78
N THR C 523 14.62 28.67 -22.91
CA THR C 523 13.99 27.45 -22.45
C THR C 523 14.95 26.71 -21.55
N TYR C 524 14.43 26.13 -20.47
CA TYR C 524 15.26 25.51 -19.43
C TYR C 524 14.68 24.16 -19.04
N PHE C 525 15.54 23.35 -18.43
CA PHE C 525 15.14 22.13 -17.73
C PHE C 525 15.21 22.39 -16.23
N ILE C 526 14.11 22.15 -15.53
CA ILE C 526 14.01 22.40 -14.10
C ILE C 526 13.91 21.07 -13.39
N VAL C 527 14.80 20.83 -12.43
CA VAL C 527 14.93 19.55 -11.75
C VAL C 527 14.83 19.78 -10.24
N GLY C 528 14.07 18.92 -9.58
CA GLY C 528 13.95 18.93 -8.13
C GLY C 528 14.65 17.71 -7.55
N THR C 529 15.44 17.93 -6.50
CA THR C 529 16.22 16.88 -5.88
C THR C 529 16.09 16.98 -4.37
N ALA C 530 16.16 15.83 -3.70
CA ALA C 530 16.09 15.73 -2.26
C ALA C 530 17.35 15.06 -1.73
N MET C 531 17.89 15.58 -0.63
CA MET C 531 19.07 15.02 0.02
C MET C 531 18.62 14.00 1.06
N VAL C 532 19.01 12.74 0.87
CA VAL C 532 18.56 11.64 1.71
C VAL C 532 19.78 10.91 2.25
N TYR C 533 19.79 10.63 3.55
CA TYR C 533 20.81 9.83 4.20
C TYR C 533 20.17 8.65 4.91
N PRO C 534 20.89 7.53 5.07
CA PRO C 534 20.30 6.37 5.74
C PRO C 534 20.32 6.50 7.26
N GLU C 535 19.84 7.64 7.77
CA GLU C 535 19.72 7.86 9.21
C GLU C 535 18.49 8.65 9.61
N GLU C 536 17.80 9.30 8.68
CA GLU C 536 16.66 10.15 8.98
C GLU C 536 15.45 9.71 8.17
N ALA C 537 14.27 9.69 8.80
CA ALA C 537 13.06 9.34 8.09
C ALA C 537 12.79 10.33 6.96
N GLU C 538 12.62 11.62 7.31
CA GLU C 538 12.40 12.64 6.31
C GLU C 538 13.74 13.20 5.83
N PRO C 539 13.84 13.60 4.55
CA PRO C 539 15.10 14.14 4.04
C PRO C 539 15.52 15.43 4.73
N LYS C 540 14.64 16.43 4.70
CA LYS C 540 14.85 17.71 5.37
C LYS C 540 15.83 18.61 4.63
N GLN C 541 16.10 18.36 3.36
CA GLN C 541 17.02 19.19 2.58
C GLN C 541 16.91 18.80 1.12
N GLY C 542 16.98 19.80 0.24
CA GLY C 542 16.88 19.54 -1.19
C GLY C 542 17.22 20.77 -1.99
N ARG C 543 17.23 20.58 -3.31
CA ARG C 543 17.62 21.62 -4.26
C ARG C 543 16.64 21.68 -5.42
N ILE C 544 16.58 22.85 -6.04
CA ILE C 544 15.93 23.07 -7.33
C ILE C 544 16.96 23.67 -8.27
N VAL C 545 17.18 23.03 -9.41
CA VAL C 545 18.23 23.41 -10.34
C VAL C 545 17.62 23.70 -11.70
N VAL C 546 18.05 24.80 -12.31
CA VAL C 546 17.59 25.22 -13.63
C VAL C 546 18.79 25.16 -14.56
N PHE C 547 18.75 24.23 -15.52
CA PHE C 547 19.78 24.04 -16.53
C PHE C 547 19.30 24.61 -17.86
N GLN C 548 20.26 25.00 -18.70
CA GLN C 548 20.01 25.39 -20.07
C GLN C 548 20.90 24.57 -21.00
N TYR C 549 20.32 24.07 -22.08
CA TYR C 549 21.05 23.28 -23.08
C TYR C 549 21.13 24.10 -24.36
N SER C 550 22.36 24.32 -24.85
CA SER C 550 22.58 25.07 -26.08
C SER C 550 24.05 24.95 -26.45
N ASP C 551 24.33 25.14 -27.74
CA ASP C 551 25.68 25.04 -28.27
C ASP C 551 26.27 23.65 -28.07
N GLY C 552 25.43 22.63 -27.90
CA GLY C 552 25.91 21.29 -27.65
C GLY C 552 26.48 21.08 -26.26
N LYS C 553 26.28 22.02 -25.34
CA LYS C 553 26.82 21.94 -24.00
C LYS C 553 25.72 22.26 -22.99
N LEU C 554 25.81 21.64 -21.82
CA LEU C 554 24.87 21.84 -20.73
C LEU C 554 25.53 22.67 -19.63
N GLN C 555 24.84 23.71 -19.18
CA GLN C 555 25.35 24.60 -18.14
C GLN C 555 24.27 24.85 -17.11
N THR C 556 24.67 24.92 -15.84
CA THR C 556 23.75 25.16 -14.74
C THR C 556 23.45 26.65 -14.67
N VAL C 557 22.25 27.04 -15.08
CA VAL C 557 21.88 28.46 -15.10
C VAL C 557 21.62 28.96 -13.69
N ALA C 558 20.85 28.21 -12.91
CA ALA C 558 20.44 28.68 -11.59
C ALA C 558 20.32 27.51 -10.63
N GLU C 559 20.39 27.82 -9.34
CA GLU C 559 20.34 26.82 -8.28
C GLU C 559 19.76 27.45 -7.03
N LYS C 560 18.93 26.69 -6.31
CA LYS C 560 18.34 27.16 -5.06
C LYS C 560 18.20 25.98 -4.11
N GLU C 561 18.24 26.28 -2.82
CA GLU C 561 18.15 25.29 -1.76
C GLU C 561 16.86 25.48 -0.98
N VAL C 562 16.22 24.36 -0.63
CA VAL C 562 14.97 24.37 0.12
C VAL C 562 15.05 23.32 1.22
N LYS C 563 14.55 23.66 2.40
CA LYS C 563 14.56 22.75 3.54
C LYS C 563 13.44 21.75 3.38
N GLY C 564 13.71 20.73 2.57
CA GLY C 564 12.72 19.69 2.32
C GLY C 564 13.03 18.97 1.01
N ALA C 565 12.05 18.20 0.56
CA ALA C 565 12.15 17.44 -0.68
C ALA C 565 11.09 17.93 -1.66
N VAL C 566 11.50 18.15 -2.91
CA VAL C 566 10.60 18.63 -3.96
C VAL C 566 9.98 17.40 -4.60
N TYR C 567 8.74 17.07 -4.21
CA TYR C 567 8.10 15.87 -4.71
C TYR C 567 7.62 16.04 -6.15
N SER C 568 7.09 17.22 -6.50
CA SER C 568 6.59 17.45 -7.85
C SER C 568 6.63 18.94 -8.15
N MET C 569 6.65 19.26 -9.44
CA MET C 569 6.71 20.63 -9.90
C MET C 569 5.90 20.76 -11.18
N VAL C 570 5.39 21.98 -11.43
CA VAL C 570 4.64 22.26 -12.65
C VAL C 570 4.83 23.73 -13.02
N GLU C 571 4.57 24.04 -14.29
CA GLU C 571 4.53 25.41 -14.78
C GLU C 571 3.10 25.92 -14.68
N PHE C 572 2.94 27.10 -14.09
CA PHE C 572 1.63 27.64 -13.73
C PHE C 572 1.56 29.10 -14.18
N ASN C 573 1.04 29.32 -15.39
CA ASN C 573 0.81 30.66 -15.92
C ASN C 573 2.06 31.52 -15.82
N GLY C 574 3.18 30.97 -16.30
CA GLY C 574 4.44 31.68 -16.29
C GLY C 574 5.19 31.66 -14.98
N LYS C 575 4.67 30.99 -13.97
CA LYS C 575 5.30 30.87 -12.66
C LYS C 575 5.63 29.40 -12.42
N LEU C 576 6.29 29.11 -11.29
CA LEU C 576 6.69 27.75 -10.96
C LEU C 576 5.98 27.31 -9.70
N LEU C 577 5.27 26.19 -9.76
CA LEU C 577 4.54 25.65 -8.61
C LEU C 577 5.25 24.40 -8.14
N ALA C 578 5.61 24.36 -6.86
CA ALA C 578 6.40 23.27 -6.30
C ALA C 578 5.75 22.76 -5.03
N SER C 579 6.05 21.51 -4.69
CA SER C 579 5.56 20.85 -3.49
C SER C 579 6.77 20.43 -2.65
N ILE C 580 6.93 21.08 -1.51
CA ILE C 580 8.04 20.82 -0.59
C ILE C 580 7.44 20.28 0.69
N ASN C 581 7.57 18.96 0.89
CA ASN C 581 6.99 18.26 2.04
C ASN C 581 5.50 18.57 2.06
N SER C 582 4.95 19.18 3.11
CA SER C 582 3.53 19.45 3.21
C SER C 582 3.19 20.89 2.79
N THR C 583 4.06 21.53 2.04
CA THR C 583 3.87 22.91 1.61
C THR C 583 3.75 22.98 0.09
N VAL C 584 2.88 23.85 -0.39
CA VAL C 584 2.74 24.16 -1.81
C VAL C 584 3.21 25.60 -1.98
N ARG C 585 4.24 25.79 -2.79
CA ARG C 585 4.89 27.10 -2.92
C ARG C 585 4.86 27.54 -4.38
N LEU C 586 4.58 28.83 -4.58
CA LEU C 586 4.59 29.46 -5.88
C LEU C 586 5.76 30.42 -5.96
N TYR C 587 6.60 30.24 -6.98
CA TYR C 587 7.77 31.05 -7.26
C TYR C 587 7.56 31.85 -8.53
N GLU C 588 8.09 33.07 -8.54
CA GLU C 588 8.14 33.91 -9.72
C GLU C 588 9.58 34.02 -10.21
N TRP C 589 9.73 34.17 -11.53
CA TRP C 589 11.05 34.27 -12.16
C TRP C 589 11.37 35.75 -12.38
N THR C 590 12.50 36.19 -11.82
CA THR C 590 12.90 37.59 -11.89
C THR C 590 13.85 37.82 -13.06
N THR C 591 14.01 39.10 -13.41
CA THR C 591 14.86 39.48 -14.52
C THR C 591 16.33 39.18 -14.26
N GLU C 592 16.71 38.94 -13.00
CA GLU C 592 18.08 38.61 -12.63
C GLU C 592 18.36 37.12 -12.72
N LYS C 593 17.41 36.33 -13.23
CA LYS C 593 17.55 34.89 -13.34
C LYS C 593 17.74 34.24 -11.97
N GLU C 594 16.75 34.46 -11.10
CA GLU C 594 16.70 33.83 -9.79
C GLU C 594 15.26 33.53 -9.46
N LEU C 595 15.06 32.55 -8.59
CA LEU C 595 13.72 32.15 -8.16
C LEU C 595 13.37 32.93 -6.90
N ARG C 596 12.39 33.82 -7.01
CA ARG C 596 11.92 34.64 -5.91
C ARG C 596 10.59 34.09 -5.40
N THR C 597 10.53 33.83 -4.10
CA THR C 597 9.31 33.30 -3.51
C THR C 597 8.15 34.26 -3.73
N GLU C 598 7.01 33.72 -4.15
CA GLU C 598 5.79 34.49 -4.35
C GLU C 598 4.75 34.19 -3.29
N CYS C 599 4.42 32.93 -3.04
CA CYS C 599 3.45 32.63 -2.00
C CYS C 599 3.59 31.20 -1.52
N ASN C 600 2.96 30.92 -0.37
CA ASN C 600 3.02 29.63 0.28
C ASN C 600 1.62 29.22 0.73
N HIS C 601 1.43 27.91 0.86
CA HIS C 601 0.21 27.36 1.42
C HIS C 601 0.54 26.04 2.12
N TYR C 602 0.13 25.93 3.38
CA TYR C 602 0.51 24.79 4.22
C TYR C 602 -0.63 23.76 4.25
N ASN C 603 -0.29 22.51 3.96
CA ASN C 603 -1.23 21.41 3.94
C ASN C 603 -0.91 20.43 5.07
N ASN C 604 -1.87 19.55 5.34
CA ASN C 604 -1.70 18.48 6.31
C ASN C 604 -1.23 17.18 5.70
N ILE C 605 -1.06 17.14 4.37
CA ILE C 605 -0.74 15.91 3.65
C ILE C 605 0.40 16.19 2.68
N MET C 606 1.31 15.22 2.54
CA MET C 606 2.40 15.36 1.58
C MET C 606 1.83 15.46 0.17
N ALA C 607 2.05 16.59 -0.47
CA ALA C 607 1.52 16.84 -1.82
C ALA C 607 2.39 16.11 -2.83
N LEU C 608 2.08 14.82 -3.06
CA LEU C 608 2.82 14.04 -4.04
C LEU C 608 2.38 14.36 -5.45
N TYR C 609 1.10 14.15 -5.74
CA TYR C 609 0.56 14.36 -7.09
C TYR C 609 0.09 15.80 -7.23
N LEU C 610 0.66 16.52 -8.19
CA LEU C 610 0.27 17.89 -8.49
C LEU C 610 -0.23 17.95 -9.94
N LYS C 611 -1.42 18.54 -10.12
CA LYS C 611 -1.95 18.79 -11.45
C LYS C 611 -2.53 20.19 -11.48
N THR C 612 -2.58 20.78 -12.67
CA THR C 612 -3.08 22.13 -12.83
C THR C 612 -3.91 22.24 -14.11
N LYS C 613 -4.89 23.14 -14.08
CA LYS C 613 -5.67 23.45 -15.27
C LYS C 613 -6.24 24.85 -15.10
N GLY C 614 -5.95 25.75 -16.03
CA GLY C 614 -6.37 27.12 -15.91
C GLY C 614 -5.79 27.76 -14.66
N ASP C 615 -6.65 28.01 -13.67
CA ASP C 615 -6.22 28.52 -12.37
C ASP C 615 -6.48 27.53 -11.24
N PHE C 616 -7.07 26.38 -11.53
CA PHE C 616 -7.34 25.37 -10.51
C PHE C 616 -6.17 24.40 -10.38
N ILE C 617 -5.94 23.94 -9.15
CA ILE C 617 -4.85 23.04 -8.83
C ILE C 617 -5.41 21.84 -8.09
N LEU C 618 -4.96 20.65 -8.45
CA LEU C 618 -5.35 19.40 -7.81
C LEU C 618 -4.14 18.83 -7.08
N VAL C 619 -4.30 18.56 -5.79
CA VAL C 619 -3.24 18.06 -4.94
C VAL C 619 -3.67 16.72 -4.36
N GLY C 620 -2.79 15.73 -4.44
CA GLY C 620 -3.09 14.41 -3.93
C GLY C 620 -1.90 13.81 -3.22
N ASP C 621 -2.20 12.92 -2.27
CA ASP C 621 -1.19 12.18 -1.53
C ASP C 621 -1.38 10.69 -1.80
N LEU C 622 -0.65 9.87 -1.05
CA LEU C 622 -0.62 8.43 -1.30
C LEU C 622 -1.78 7.68 -0.66
N MET C 623 -2.63 8.35 0.11
CA MET C 623 -3.76 7.71 0.78
C MET C 623 -5.09 8.32 0.33
N ARG C 624 -5.18 8.67 -0.95
CA ARG C 624 -6.41 9.16 -1.55
C ARG C 624 -7.02 10.30 -0.73
N SER C 625 -6.26 11.39 -0.62
CA SER C 625 -6.71 12.62 0.03
C SER C 625 -6.65 13.71 -1.03
N VAL C 626 -7.74 13.85 -1.79
CA VAL C 626 -7.77 14.80 -2.90
C VAL C 626 -8.14 16.17 -2.39
N LEU C 627 -7.46 17.20 -2.92
CA LEU C 627 -7.66 18.57 -2.50
C LEU C 627 -7.68 19.47 -3.73
N LEU C 628 -8.57 20.46 -3.72
CA LEU C 628 -8.72 21.40 -4.82
C LEU C 628 -8.39 22.80 -4.34
N LEU C 629 -7.54 23.50 -5.08
CA LEU C 629 -7.11 24.84 -4.71
C LEU C 629 -7.30 25.78 -5.90
N ALA C 630 -7.42 27.06 -5.60
CA ALA C 630 -7.55 28.11 -6.60
C ALA C 630 -6.59 29.25 -6.29
N TYR C 631 -6.18 29.96 -7.33
CA TYR C 631 -5.26 31.08 -7.21
C TYR C 631 -6.03 32.38 -7.36
N LYS C 632 -5.80 33.31 -6.44
CA LYS C 632 -6.47 34.61 -6.44
C LYS C 632 -5.47 35.70 -6.79
N PRO C 633 -5.45 36.19 -8.02
CA PRO C 633 -4.52 37.30 -8.35
C PRO C 633 -4.75 38.53 -7.49
N MET C 634 -6.00 38.82 -7.12
CA MET C 634 -6.28 40.00 -6.31
C MET C 634 -5.56 39.94 -4.97
N GLU C 635 -5.60 38.78 -4.31
CA GLU C 635 -4.92 38.59 -3.04
C GLU C 635 -3.55 37.95 -3.19
N GLY C 636 -3.26 37.34 -4.34
CA GLY C 636 -1.97 36.68 -4.53
C GLY C 636 -1.73 35.54 -3.56
N ASN C 637 -2.78 34.77 -3.26
CA ASN C 637 -2.65 33.62 -2.37
C ASN C 637 -3.70 32.59 -2.73
N PHE C 638 -3.48 31.36 -2.26
CA PHE C 638 -4.36 30.25 -2.60
C PHE C 638 -5.62 30.29 -1.73
N GLU C 639 -6.58 29.46 -2.10
CA GLU C 639 -7.87 29.40 -1.40
C GLU C 639 -8.47 28.02 -1.62
N GLU C 640 -8.58 27.23 -0.56
CA GLU C 640 -9.13 25.89 -0.68
C GLU C 640 -10.57 25.95 -1.17
N ILE C 641 -10.91 25.03 -2.08
CA ILE C 641 -12.23 24.97 -2.69
C ILE C 641 -13.00 23.74 -2.23
N ALA C 642 -12.39 22.56 -2.37
CA ALA C 642 -13.06 21.31 -2.03
C ALA C 642 -12.02 20.28 -1.61
N ARG C 643 -12.48 19.24 -0.93
CA ARG C 643 -11.60 18.18 -0.47
C ARG C 643 -12.37 16.87 -0.41
N ASP C 644 -11.61 15.77 -0.37
CA ASP C 644 -12.21 14.44 -0.27
C ASP C 644 -11.17 13.52 0.35
N PHE C 645 -11.44 13.07 1.57
CA PHE C 645 -10.55 12.16 2.29
C PHE C 645 -11.25 10.82 2.50
N ASN C 646 -10.60 9.75 2.08
CA ASN C 646 -11.10 8.39 2.28
C ASN C 646 -9.92 7.43 2.29
N PRO C 647 -9.64 6.76 3.42
CA PRO C 647 -8.41 5.95 3.50
C PRO C 647 -8.36 4.84 2.46
N ASN C 648 -7.42 4.96 1.52
CA ASN C 648 -7.19 3.94 0.50
C ASN C 648 -5.98 4.38 -0.31
N TRP C 649 -5.28 3.40 -0.87
CA TRP C 649 -4.06 3.67 -1.62
C TRP C 649 -4.39 4.22 -3.00
N MET C 650 -3.79 5.36 -3.34
CA MET C 650 -3.93 5.99 -4.64
C MET C 650 -2.59 5.95 -5.36
N SER C 651 -2.62 5.72 -6.67
CA SER C 651 -1.40 5.66 -7.47
C SER C 651 -1.28 6.76 -8.52
N ALA C 652 -2.38 7.40 -8.91
CA ALA C 652 -2.32 8.45 -9.91
C ALA C 652 -3.57 9.31 -9.79
N VAL C 653 -3.54 10.46 -10.46
CA VAL C 653 -4.67 11.37 -10.47
C VAL C 653 -4.54 12.27 -11.69
N GLU C 654 -5.68 12.64 -12.28
CA GLU C 654 -5.67 13.46 -13.48
C GLU C 654 -6.95 14.30 -13.50
N ILE C 655 -6.91 15.39 -14.25
CA ILE C 655 -8.05 16.30 -14.42
C ILE C 655 -8.61 16.10 -15.81
N LEU C 656 -9.90 15.77 -15.89
CA LEU C 656 -10.60 15.65 -17.16
C LEU C 656 -11.14 17.00 -17.63
N ASP C 657 -11.84 17.70 -16.74
CA ASP C 657 -12.35 19.04 -17.03
C ASP C 657 -12.46 19.80 -15.71
N ASP C 658 -13.12 20.96 -15.75
CA ASP C 658 -13.18 21.82 -14.57
C ASP C 658 -13.96 21.20 -13.42
N ASP C 659 -14.73 20.13 -13.65
CA ASP C 659 -15.59 19.56 -12.62
C ASP C 659 -15.23 18.12 -12.27
N ASN C 660 -14.82 17.31 -13.25
CA ASN C 660 -14.58 15.89 -13.02
C ASN C 660 -13.09 15.62 -12.86
N PHE C 661 -12.78 14.68 -11.96
CA PHE C 661 -11.41 14.28 -11.70
C PHE C 661 -11.32 12.76 -11.73
N LEU C 662 -10.24 12.23 -12.30
CA LEU C 662 -10.03 10.80 -12.46
C LEU C 662 -8.85 10.35 -11.60
N GLY C 663 -8.93 9.12 -11.10
CA GLY C 663 -7.86 8.58 -10.29
C GLY C 663 -7.85 7.07 -10.29
N ALA C 664 -6.70 6.52 -9.93
CA ALA C 664 -6.51 5.08 -9.80
C ALA C 664 -6.17 4.76 -8.36
N GLU C 665 -6.87 3.77 -7.79
CA GLU C 665 -6.75 3.43 -6.38
C GLU C 665 -6.68 1.92 -6.21
N ASN C 666 -6.51 1.51 -4.96
CA ASN C 666 -6.18 0.14 -4.58
C ASN C 666 -7.09 -0.89 -5.24
N ALA C 667 -6.60 -2.12 -5.36
CA ALA C 667 -7.28 -3.23 -6.01
C ALA C 667 -7.42 -3.01 -7.52
N PHE C 668 -6.54 -2.19 -8.10
CA PHE C 668 -6.54 -1.94 -9.54
C PHE C 668 -7.87 -1.34 -9.99
N ASN C 669 -8.30 -0.30 -9.28
CA ASN C 669 -9.60 0.32 -9.52
C ASN C 669 -9.44 1.73 -10.06
N LEU C 670 -10.40 2.14 -10.87
CA LEU C 670 -10.52 3.51 -11.36
C LEU C 670 -11.72 4.17 -10.72
N PHE C 671 -11.57 5.43 -10.32
CA PHE C 671 -12.66 6.19 -9.73
C PHE C 671 -12.68 7.58 -10.34
N VAL C 672 -13.88 8.16 -10.36
CA VAL C 672 -14.12 9.49 -10.91
C VAL C 672 -14.95 10.28 -9.90
N CYS C 673 -14.42 11.41 -9.46
CA CYS C 673 -15.08 12.29 -8.51
C CYS C 673 -15.56 13.56 -9.23
N GLN C 674 -16.58 14.18 -8.65
CA GLN C 674 -17.19 15.37 -9.23
C GLN C 674 -17.53 16.36 -8.13
N LYS C 675 -17.56 17.64 -8.49
CA LYS C 675 -17.96 18.71 -7.57
C LYS C 675 -19.21 19.37 -8.11
N ASP C 676 -20.19 19.58 -7.23
CA ASP C 676 -21.44 20.23 -7.59
C ASP C 676 -21.26 21.75 -7.46
N SER C 677 -21.14 22.43 -8.60
CA SER C 677 -20.90 23.86 -8.58
C SER C 677 -22.10 24.62 -8.01
N ALA C 678 -23.32 24.18 -8.35
CA ALA C 678 -24.53 24.89 -7.97
C ALA C 678 -25.14 24.39 -6.67
N ALA C 679 -24.33 23.85 -5.76
CA ALA C 679 -24.86 23.40 -4.48
C ALA C 679 -25.35 24.60 -3.66
N THR C 680 -26.45 24.40 -2.94
CA THR C 680 -27.10 25.52 -2.27
C THR C 680 -26.26 26.03 -1.10
N THR C 681 -25.71 25.13 -0.29
CA THR C 681 -25.02 25.50 0.93
C THR C 681 -23.51 25.38 0.77
N ASP C 682 -22.78 26.06 1.66
CA ASP C 682 -21.32 26.01 1.62
C ASP C 682 -20.80 24.59 1.87
N GLU C 683 -21.41 23.88 2.82
CA GLU C 683 -20.95 22.52 3.11
C GLU C 683 -21.11 21.62 1.89
N GLU C 684 -22.25 21.74 1.19
CA GLU C 684 -22.48 20.87 0.03
C GLU C 684 -21.45 21.12 -1.06
N ARG C 685 -21.11 22.38 -1.32
CA ARG C 685 -20.10 22.71 -2.33
C ARG C 685 -18.68 22.57 -1.81
N GLN C 686 -18.48 22.29 -0.53
CA GLN C 686 -17.17 22.07 0.03
C GLN C 686 -16.76 20.61 0.03
N HIS C 687 -17.60 19.73 -0.53
CA HIS C 687 -17.33 18.30 -0.54
C HIS C 687 -17.48 17.76 -1.96
N LEU C 688 -16.55 16.89 -2.34
CA LEU C 688 -16.57 16.26 -3.66
C LEU C 688 -17.44 15.00 -3.63
N GLN C 689 -18.12 14.76 -4.74
CA GLN C 689 -18.98 13.59 -4.90
C GLN C 689 -18.27 12.53 -5.74
N GLU C 690 -18.52 11.27 -5.38
CA GLU C 690 -17.95 10.12 -6.07
C GLU C 690 -19.01 9.58 -7.02
N VAL C 691 -18.80 9.75 -8.32
CA VAL C 691 -19.81 9.45 -9.33
C VAL C 691 -19.32 8.44 -10.35
N GLY C 692 -18.15 7.86 -10.16
CA GLY C 692 -17.71 6.81 -11.07
C GLY C 692 -16.82 5.78 -10.40
N LEU C 693 -17.14 4.50 -10.59
CA LEU C 693 -16.33 3.40 -10.06
C LEU C 693 -16.17 2.34 -11.14
N PHE C 694 -14.99 1.74 -11.19
CA PHE C 694 -14.70 0.75 -12.23
C PHE C 694 -13.54 -0.11 -11.78
N HIS C 695 -13.55 -1.38 -12.18
CA HIS C 695 -12.45 -2.31 -11.91
C HIS C 695 -11.67 -2.49 -13.20
N LEU C 696 -10.53 -1.80 -13.29
CA LEU C 696 -9.74 -1.84 -14.53
C LEU C 696 -8.98 -3.15 -14.66
N GLY C 697 -8.47 -3.68 -13.55
CA GLY C 697 -7.63 -4.85 -13.57
C GLY C 697 -6.17 -4.59 -13.80
N GLU C 698 -5.76 -3.32 -13.83
CA GLU C 698 -4.37 -2.94 -14.03
C GLU C 698 -3.97 -1.89 -13.01
N PHE C 699 -2.69 -1.85 -12.68
CA PHE C 699 -2.15 -0.84 -11.77
C PHE C 699 -1.72 0.36 -12.61
N VAL C 700 -2.62 1.34 -12.75
CA VAL C 700 -2.32 2.52 -13.55
C VAL C 700 -1.17 3.28 -12.90
N ASN C 701 -0.19 3.66 -13.72
CA ASN C 701 1.01 4.33 -13.23
C ASN C 701 1.13 5.78 -13.68
N VAL C 702 0.65 6.13 -14.85
CA VAL C 702 0.82 7.49 -15.36
C VAL C 702 -0.36 7.86 -16.24
N PHE C 703 -0.77 9.12 -16.16
CA PHE C 703 -1.81 9.71 -17.00
C PHE C 703 -1.21 10.80 -17.88
N CYS C 704 -1.77 10.97 -19.07
CA CYS C 704 -1.33 12.02 -19.98
C CYS C 704 -2.48 12.41 -20.91
N HIS C 705 -2.37 13.59 -21.49
CA HIS C 705 -3.34 14.09 -22.45
C HIS C 705 -2.77 13.98 -23.86
N GLY C 706 -3.54 13.42 -24.78
CA GLY C 706 -3.10 13.29 -26.15
C GLY C 706 -3.91 12.24 -26.89
N SER C 707 -3.52 12.03 -28.14
CA SER C 707 -4.17 11.05 -28.99
C SER C 707 -3.16 10.51 -29.99
N LEU C 708 -3.44 9.34 -30.54
CA LEU C 708 -2.59 8.68 -31.51
C LEU C 708 -3.23 8.60 -32.89
N VAL C 709 -4.21 9.45 -33.16
CA VAL C 709 -4.91 9.46 -34.45
C VAL C 709 -4.89 10.87 -35.01
N MET C 710 -5.02 10.97 -36.32
CA MET C 710 -5.00 12.27 -36.99
C MET C 710 -6.20 13.10 -36.55
N GLN C 711 -5.98 14.39 -36.37
CA GLN C 711 -7.03 15.30 -35.93
C GLN C 711 -7.88 15.77 -37.12
N SER C 717 -18.66 18.18 -32.40
CA SER C 717 -18.63 17.62 -33.75
C SER C 717 -18.52 16.10 -33.71
N THR C 718 -18.05 15.58 -32.58
CA THR C 718 -17.89 14.14 -32.39
C THR C 718 -18.51 13.73 -31.06
N PRO C 719 -19.02 12.50 -30.97
CA PRO C 719 -19.69 12.08 -29.72
C PRO C 719 -18.77 12.11 -28.50
N THR C 720 -17.46 11.93 -28.70
CA THR C 720 -16.51 11.83 -27.60
C THR C 720 -15.73 13.14 -27.49
N GLN C 721 -15.65 13.68 -26.27
CA GLN C 721 -14.92 14.91 -26.00
C GLN C 721 -13.73 14.59 -25.08
N GLY C 722 -12.55 15.04 -25.50
CA GLY C 722 -11.35 14.80 -24.74
C GLY C 722 -10.77 13.42 -24.99
N SER C 723 -9.57 13.21 -24.46
CA SER C 723 -8.88 11.93 -24.58
C SER C 723 -7.72 11.86 -23.61
N VAL C 724 -7.66 10.82 -22.79
CA VAL C 724 -6.62 10.64 -21.79
C VAL C 724 -5.99 9.27 -21.98
N LEU C 725 -4.67 9.22 -22.09
CA LEU C 725 -3.92 7.99 -22.22
C LEU C 725 -3.27 7.65 -20.89
N PHE C 726 -3.49 6.44 -20.39
CA PHE C 726 -2.88 5.99 -19.15
C PHE C 726 -2.03 4.76 -19.39
N GLY C 727 -0.86 4.75 -18.76
CA GLY C 727 0.07 3.64 -18.84
C GLY C 727 0.20 2.98 -17.47
N THR C 728 0.34 1.66 -17.48
CA THR C 728 0.26 0.82 -16.29
C THR C 728 1.53 -0.01 -16.13
N VAL C 729 1.57 -0.80 -15.05
CA VAL C 729 2.75 -1.60 -14.74
C VAL C 729 2.92 -2.74 -15.73
N ASN C 730 1.81 -3.42 -16.08
CA ASN C 730 1.90 -4.60 -16.92
C ASN C 730 2.30 -4.29 -18.36
N GLY C 731 2.35 -3.02 -18.74
CA GLY C 731 2.67 -2.63 -20.10
C GLY C 731 1.47 -2.30 -20.95
N MET C 732 0.28 -2.22 -20.37
CA MET C 732 -0.94 -1.91 -21.10
C MET C 732 -1.10 -0.40 -21.22
N ILE C 733 -1.64 0.04 -22.34
CA ILE C 733 -1.96 1.43 -22.59
C ILE C 733 -3.46 1.53 -22.80
N GLY C 734 -4.11 2.45 -22.08
CA GLY C 734 -5.54 2.60 -22.16
C GLY C 734 -5.94 4.03 -22.48
N LEU C 735 -7.14 4.16 -23.02
CA LEU C 735 -7.66 5.45 -23.48
C LEU C 735 -9.02 5.69 -22.85
N VAL C 736 -9.23 6.90 -22.34
CA VAL C 736 -10.46 7.27 -21.65
C VAL C 736 -11.01 8.54 -22.29
N THR C 737 -12.31 8.56 -22.54
CA THR C 737 -12.99 9.71 -23.12
C THR C 737 -14.32 9.93 -22.40
N SER C 738 -14.99 11.03 -22.75
CA SER C 738 -16.26 11.40 -22.16
C SER C 738 -17.39 11.07 -23.14
N LEU C 739 -18.63 11.29 -22.69
CA LEU C 739 -19.80 11.00 -23.50
C LEU C 739 -20.96 11.86 -23.04
N SER C 740 -21.99 11.93 -23.87
CA SER C 740 -23.26 12.55 -23.51
C SER C 740 -24.19 11.52 -22.88
N GLU C 741 -25.21 12.02 -22.18
CA GLU C 741 -26.06 11.14 -21.39
C GLU C 741 -26.81 10.14 -22.27
N SER C 742 -27.33 10.60 -23.41
CA SER C 742 -28.09 9.70 -24.28
C SER C 742 -27.22 8.56 -24.79
N TRP C 743 -25.99 8.88 -25.22
CA TRP C 743 -25.08 7.84 -25.69
C TRP C 743 -24.72 6.88 -24.54
N TYR C 744 -24.54 7.41 -23.34
CA TYR C 744 -24.24 6.55 -22.20
C TYR C 744 -25.39 5.57 -21.94
N ASN C 745 -26.63 6.07 -21.98
CA ASN C 745 -27.78 5.19 -21.77
C ASN C 745 -27.86 4.13 -22.86
N LEU C 746 -27.67 4.53 -24.11
CA LEU C 746 -27.75 3.58 -25.21
C LEU C 746 -26.68 2.50 -25.07
N LEU C 747 -25.45 2.91 -24.74
CA LEU C 747 -24.37 1.93 -24.62
C LEU C 747 -24.57 1.04 -23.40
N LEU C 748 -25.12 1.56 -22.30
CA LEU C 748 -25.42 0.72 -21.15
C LEU C 748 -26.47 -0.33 -21.50
N ASP C 749 -27.52 0.08 -22.22
CA ASP C 749 -28.53 -0.89 -22.65
C ASP C 749 -27.92 -1.94 -23.57
N MET C 750 -27.07 -1.52 -24.50
CA MET C 750 -26.40 -2.48 -25.38
C MET C 750 -25.53 -3.43 -24.58
N GLN C 751 -24.82 -2.93 -23.57
CA GLN C 751 -23.98 -3.78 -22.74
C GLN C 751 -24.81 -4.83 -22.02
N ASN C 752 -25.94 -4.40 -21.43
CA ASN C 752 -26.81 -5.35 -20.74
C ASN C 752 -27.35 -6.40 -21.71
N ARG C 753 -27.75 -5.99 -22.91
CA ARG C 753 -28.24 -6.95 -23.89
C ARG C 753 -27.13 -7.92 -24.30
N LEU C 754 -25.92 -7.42 -24.51
CA LEU C 754 -24.82 -8.25 -24.97
C LEU C 754 -24.39 -9.27 -23.91
N ASN C 755 -24.49 -8.90 -22.63
CA ASN C 755 -24.02 -9.81 -21.58
C ASN C 755 -24.80 -11.11 -21.55
N LYS C 756 -25.97 -11.16 -22.22
CA LYS C 756 -26.81 -12.35 -22.21
C LYS C 756 -26.65 -13.21 -23.46
N VAL C 757 -25.71 -12.89 -24.35
CA VAL C 757 -25.54 -13.65 -25.58
C VAL C 757 -24.08 -14.01 -25.81
N ILE C 758 -23.17 -13.41 -25.04
CA ILE C 758 -21.74 -13.66 -25.20
C ILE C 758 -21.34 -14.78 -24.26
N LYS C 759 -20.67 -15.80 -24.82
CA LYS C 759 -20.21 -16.95 -24.06
C LYS C 759 -18.84 -16.63 -23.46
N SER C 760 -18.85 -16.12 -22.23
CA SER C 760 -17.61 -15.82 -21.55
C SER C 760 -16.87 -17.10 -21.19
N VAL C 761 -15.54 -17.03 -21.21
CA VAL C 761 -14.72 -18.18 -20.85
C VAL C 761 -14.76 -18.38 -19.34
N GLY C 762 -15.14 -19.58 -18.91
CA GLY C 762 -15.28 -19.88 -17.50
C GLY C 762 -16.60 -19.47 -16.90
N LYS C 763 -17.52 -18.92 -17.69
CA LYS C 763 -18.83 -18.48 -17.21
C LYS C 763 -18.67 -17.54 -16.01
N ILE C 764 -17.99 -16.42 -16.26
CA ILE C 764 -17.77 -15.38 -15.27
C ILE C 764 -18.62 -14.18 -15.65
N GLU C 765 -19.46 -13.73 -14.71
CA GLU C 765 -20.35 -12.61 -15.00
C GLU C 765 -19.56 -11.32 -15.19
N HIS C 766 -19.94 -10.57 -16.22
CA HIS C 766 -19.25 -9.31 -16.52
C HIS C 766 -19.43 -8.31 -15.39
N SER C 767 -20.64 -8.22 -14.82
CA SER C 767 -20.88 -7.27 -13.74
C SER C 767 -20.01 -7.59 -12.53
N PHE C 768 -19.89 -8.87 -12.18
CA PHE C 768 -19.02 -9.25 -11.07
C PHE C 768 -17.56 -8.91 -11.37
N TRP C 769 -17.12 -9.17 -12.60
CA TRP C 769 -15.73 -8.91 -12.96
C TRP C 769 -15.41 -7.42 -12.89
N ARG C 770 -16.31 -6.58 -13.35
CA ARG C 770 -16.08 -5.13 -13.36
C ARG C 770 -16.56 -4.43 -12.11
N SER C 771 -17.07 -5.17 -11.13
CA SER C 771 -17.51 -4.55 -9.89
C SER C 771 -16.33 -3.97 -9.12
N PHE C 772 -16.53 -2.76 -8.57
CA PHE C 772 -15.51 -2.16 -7.72
C PHE C 772 -15.21 -3.10 -6.56
N HIS C 773 -13.92 -3.31 -6.30
CA HIS C 773 -13.48 -4.31 -5.35
C HIS C 773 -12.42 -3.75 -4.42
N THR C 774 -12.53 -4.09 -3.13
CA THR C 774 -11.51 -3.81 -2.14
C THR C 774 -11.52 -4.96 -1.13
N GLU C 775 -10.70 -4.84 -0.09
CA GLU C 775 -10.66 -5.88 0.93
C GLU C 775 -11.90 -5.85 1.83
N ARG C 776 -12.62 -4.72 1.87
CA ARG C 776 -13.75 -4.56 2.76
C ARG C 776 -15.03 -4.08 2.10
N LYS C 777 -14.97 -3.53 0.89
CA LYS C 777 -16.15 -2.99 0.22
C LYS C 777 -16.21 -3.50 -1.21
N THR C 778 -17.43 -3.53 -1.76
CA THR C 778 -17.65 -3.99 -3.12
C THR C 778 -18.96 -3.38 -3.61
N GLU C 779 -18.89 -2.60 -4.69
CA GLU C 779 -20.04 -1.92 -5.24
C GLU C 779 -20.14 -2.18 -6.73
N PRO C 780 -21.36 -2.14 -7.30
CA PRO C 780 -21.49 -2.31 -8.74
C PRO C 780 -20.80 -1.18 -9.50
N ALA C 781 -20.28 -1.53 -10.68
CA ALA C 781 -19.66 -0.52 -11.53
C ALA C 781 -20.70 0.48 -12.01
N THR C 782 -20.34 1.76 -11.96
CA THR C 782 -21.25 2.82 -12.38
C THR C 782 -20.44 3.96 -12.98
N GLY C 783 -20.98 4.55 -14.04
CA GLY C 783 -20.37 5.70 -14.67
C GLY C 783 -19.35 5.38 -15.74
N PHE C 784 -19.02 4.11 -15.95
CA PHE C 784 -18.04 3.69 -16.94
C PHE C 784 -18.65 2.69 -17.91
N ILE C 785 -18.32 2.84 -19.18
CA ILE C 785 -18.75 1.93 -20.24
C ILE C 785 -17.53 1.16 -20.72
N ASP C 786 -17.60 -0.16 -20.66
CA ASP C 786 -16.47 -1.00 -21.04
C ASP C 786 -16.33 -1.00 -22.56
N GLY C 787 -15.23 -0.41 -23.06
CA GLY C 787 -15.04 -0.31 -24.49
C GLY C 787 -14.85 -1.65 -25.16
N ASP C 788 -14.15 -2.57 -24.50
CA ASP C 788 -13.86 -3.86 -25.10
C ASP C 788 -15.14 -4.63 -25.40
N LEU C 789 -16.07 -4.65 -24.44
CA LEU C 789 -17.31 -5.39 -24.64
C LEU C 789 -18.11 -4.80 -25.79
N ILE C 790 -18.18 -3.47 -25.88
CA ILE C 790 -18.92 -2.83 -26.97
C ILE C 790 -18.27 -3.14 -28.31
N GLU C 791 -16.93 -3.01 -28.39
CA GLU C 791 -16.23 -3.28 -29.64
C GLU C 791 -16.29 -4.74 -30.04
N SER C 792 -16.56 -5.64 -29.07
CA SER C 792 -16.75 -7.04 -29.41
C SER C 792 -18.02 -7.29 -30.20
N PHE C 793 -18.90 -6.30 -30.31
CA PHE C 793 -20.15 -6.45 -31.04
C PHE C 793 -19.93 -6.83 -32.50
N LEU C 794 -18.76 -6.50 -33.06
CA LEU C 794 -18.53 -6.73 -34.48
C LEU C 794 -18.13 -8.17 -34.79
N ASP C 795 -17.57 -8.90 -33.81
CA ASP C 795 -17.09 -10.26 -34.07
C ASP C 795 -18.23 -11.27 -34.15
N ILE C 796 -19.31 -11.06 -33.40
CA ILE C 796 -20.39 -12.04 -33.37
C ILE C 796 -21.01 -12.20 -34.75
N SER C 797 -21.75 -13.30 -34.93
CA SER C 797 -22.38 -13.59 -36.20
C SER C 797 -23.64 -12.75 -36.40
N ARG C 798 -24.06 -12.64 -37.66
CA ARG C 798 -25.19 -11.77 -37.98
C ARG C 798 -26.46 -12.17 -37.26
N PRO C 799 -26.86 -13.44 -37.18
CA PRO C 799 -28.08 -13.78 -36.43
C PRO C 799 -28.02 -13.32 -34.99
N LYS C 800 -26.85 -13.43 -34.35
CA LYS C 800 -26.71 -12.94 -32.98
C LYS C 800 -26.86 -11.42 -32.93
N MET C 801 -26.32 -10.71 -33.92
CA MET C 801 -26.52 -9.27 -33.99
C MET C 801 -28.00 -8.94 -34.06
N GLN C 802 -28.75 -9.65 -34.91
CA GLN C 802 -30.18 -9.41 -35.02
C GLN C 802 -30.90 -9.68 -33.71
N GLU C 803 -30.52 -10.78 -33.03
CA GLU C 803 -31.14 -11.10 -31.76
C GLU C 803 -30.87 -10.03 -30.72
N VAL C 804 -29.66 -9.48 -30.71
CA VAL C 804 -29.29 -8.50 -29.69
C VAL C 804 -30.18 -7.27 -29.77
N VAL C 805 -30.37 -6.75 -30.99
CA VAL C 805 -31.10 -5.48 -31.18
C VAL C 805 -32.61 -5.67 -31.15
N ALA C 806 -33.10 -6.87 -30.89
CA ALA C 806 -34.54 -7.09 -30.86
C ALA C 806 -35.20 -6.23 -29.79
N ASN C 807 -36.29 -5.57 -30.17
CA ASN C 807 -37.05 -4.72 -29.25
C ASN C 807 -36.16 -3.64 -28.64
N LEU C 808 -35.61 -2.79 -29.51
CA LEU C 808 -34.74 -1.70 -29.10
C LEU C 808 -35.15 -0.43 -29.82
N GLN C 809 -34.87 0.71 -29.18
CA GLN C 809 -35.19 2.02 -29.73
C GLN C 809 -33.91 2.78 -30.04
N TYR C 810 -33.93 3.54 -31.13
CA TYR C 810 -32.77 4.32 -31.54
C TYR C 810 -33.24 5.54 -32.32
N ASP C 811 -32.40 6.56 -32.33
CA ASP C 811 -32.71 7.81 -33.04
C ASP C 811 -32.47 7.64 -34.54
N GLY C 815 -35.47 12.64 -35.64
CA GLY C 815 -35.44 12.96 -34.22
C GLY C 815 -36.46 12.17 -33.41
N MET C 816 -37.14 11.24 -34.07
CA MET C 816 -38.15 10.39 -33.44
C MET C 816 -37.59 8.99 -33.24
N LYS C 817 -37.67 8.49 -32.01
CA LYS C 817 -37.17 7.15 -31.71
C LYS C 817 -37.92 6.12 -32.53
N ARG C 818 -37.18 5.14 -33.05
CA ARG C 818 -37.75 4.08 -33.87
C ARG C 818 -37.07 2.76 -33.51
N GLU C 819 -37.67 1.66 -33.96
CA GLU C 819 -37.08 0.34 -33.75
C GLU C 819 -35.67 0.31 -34.34
N ALA C 820 -34.68 0.09 -33.49
CA ALA C 820 -33.30 0.10 -33.93
C ALA C 820 -33.02 -1.08 -34.85
N THR C 821 -32.08 -0.86 -35.77
CA THR C 821 -31.65 -1.88 -36.72
C THR C 821 -30.16 -2.15 -36.55
N ALA C 822 -29.77 -3.39 -36.84
CA ALA C 822 -28.38 -3.79 -36.65
C ALA C 822 -27.41 -2.87 -37.38
N ASP C 823 -27.81 -2.36 -38.54
CA ASP C 823 -26.91 -1.49 -39.32
C ASP C 823 -26.57 -0.23 -38.55
N ASP C 824 -27.55 0.37 -37.88
CA ASP C 824 -27.29 1.59 -37.12
C ASP C 824 -26.28 1.34 -36.00
N LEU C 825 -26.45 0.24 -35.27
CA LEU C 825 -25.52 -0.07 -34.19
C LEU C 825 -24.15 -0.41 -34.73
N ILE C 826 -24.08 -1.06 -35.89
CA ILE C 826 -22.78 -1.34 -36.51
C ILE C 826 -22.06 -0.03 -36.86
N LYS C 827 -22.79 0.92 -37.43
CA LYS C 827 -22.20 2.21 -37.76
C LYS C 827 -21.73 2.93 -36.51
N VAL C 828 -22.54 2.88 -35.45
CA VAL C 828 -22.15 3.52 -34.19
C VAL C 828 -20.88 2.89 -33.64
N VAL C 829 -20.79 1.57 -33.69
CA VAL C 829 -19.62 0.88 -33.16
C VAL C 829 -18.38 1.21 -33.99
N GLU C 830 -18.53 1.30 -35.31
CA GLU C 830 -17.38 1.70 -36.12
C GLU C 830 -16.94 3.12 -35.79
N GLU C 831 -17.90 4.03 -35.61
CA GLU C 831 -17.55 5.40 -35.27
C GLU C 831 -16.81 5.44 -33.94
N LEU C 832 -17.26 4.64 -32.97
CA LEU C 832 -16.59 4.60 -31.68
C LEU C 832 -15.17 4.03 -31.79
N THR C 833 -15.01 2.91 -32.50
CA THR C 833 -13.69 2.31 -32.62
C THR C 833 -12.75 3.14 -33.47
N ARG C 834 -13.26 4.11 -34.23
CA ARG C 834 -12.38 4.97 -35.01
C ARG C 834 -11.55 5.91 -34.15
N ILE C 835 -11.91 6.12 -32.89
CA ILE C 835 -11.18 7.09 -32.08
C ILE C 835 -9.76 6.60 -31.78
N HIS C 836 -9.62 5.32 -31.43
CA HIS C 836 -8.32 4.79 -31.04
C HIS C 836 -7.69 3.96 -32.15
#